data_2ETR
#
_entry.id   2ETR
#
_cell.length_a   180.865
_cell.length_b   180.865
_cell.length_c   91.456
_cell.angle_alpha   90.00
_cell.angle_beta   90.00
_cell.angle_gamma   120.00
#
_symmetry.space_group_name_H-M   'P 31 2 1'
#
loop_
_entity.id
_entity.type
_entity.pdbx_description
1 polymer 'Rho-associated protein kinase 1'
2 non-polymer '(R)-TRANS-4-(1-AMINOETHYL)-N-(4-PYRIDYL) CYCLOHEXANECARBOXAMIDE'
3 water water
#
_entity_poly.entity_id   1
_entity_poly.type   'polypeptide(L)'
_entity_poly.pdbx_seq_one_letter_code
;GSLHMSFETRFEKMDNLLRDPKSEVNSDCLLDGLDALVYDLDFPALRKNKNIDNFLSRYKDTINKIRDLRMKAEDYEVVK
VIGRGAFGEVQLVRHKSTRKVYAMKLLSKFEMIKRSDSAFFWEERDIMAFANSPWVVQLFYAFQDDRYLYMVMEYMPGGD
LVNLMSNYDVPEKWARFYTAEVVLALDAIHSMGFIHRDVKPDNMLLDKSGHLKLADFGTCMKMNKEGMVRCDTAVGTPDY
ISPEVLKSQGGDGYYGRECDWWSVGVFLYEMLVGDTPFYADSLVGTYSKIMNHKNSLTFPDDNDISKEAKNLICAFLTDR
EVRLGRNGVEEIKRHLFFKNDQWAWETLRDTVAPVVPDLSSDIDTSNFDDLEEDKGEEETFPIPKAFVGNQLPFVGFTYY
SNRRYLSSANPNDNR
;
_entity_poly.pdbx_strand_id   A,B
#
loop_
_chem_comp.id
_chem_comp.type
_chem_comp.name
_chem_comp.formula
Y27 non-polymer '(R)-TRANS-4-(1-AMINOETHYL)-N-(4-PYRIDYL) CYCLOHEXANECARBOXAMIDE' 'C14 H21 N3 O'
#
# COMPACT_ATOMS: atom_id res chain seq x y z
N SER A 6 -19.30 -16.89 -3.58
CA SER A 6 -18.73 -17.25 -4.91
C SER A 6 -17.29 -16.76 -5.05
N PHE A 7 -16.54 -17.40 -5.94
CA PHE A 7 -15.13 -17.07 -6.18
C PHE A 7 -14.99 -15.73 -6.91
N GLU A 8 -15.78 -15.55 -7.97
CA GLU A 8 -15.77 -14.32 -8.77
C GLU A 8 -16.24 -13.12 -7.95
N THR A 9 -17.38 -13.29 -7.27
CA THR A 9 -17.93 -12.28 -6.38
C THR A 9 -16.87 -11.76 -5.41
N ARG A 10 -16.18 -12.68 -4.73
CA ARG A 10 -15.11 -12.35 -3.79
C ARG A 10 -14.01 -11.53 -4.44
N PHE A 11 -13.54 -11.97 -5.61
CA PHE A 11 -12.49 -11.27 -6.36
C PHE A 11 -12.95 -9.86 -6.77
N GLU A 12 -14.23 -9.74 -7.10
CA GLU A 12 -14.81 -8.46 -7.53
C GLU A 12 -15.02 -7.48 -6.36
N LYS A 13 -15.60 -7.97 -5.27
CA LYS A 13 -15.78 -7.18 -4.05
C LYS A 13 -14.44 -6.61 -3.58
N MET A 14 -13.41 -7.44 -3.66
CA MET A 14 -12.04 -7.04 -3.36
C MET A 14 -11.53 -6.00 -4.35
N ASP A 15 -11.89 -6.15 -5.61
CA ASP A 15 -11.45 -5.25 -6.68
C ASP A 15 -12.07 -3.86 -6.55
N ASN A 16 -13.32 -3.81 -6.10
CA ASN A 16 -14.01 -2.55 -5.84
C ASN A 16 -13.43 -1.85 -4.63
N LEU A 17 -13.11 -2.64 -3.61
CA LEU A 17 -12.54 -2.16 -2.35
C LEU A 17 -11.17 -1.49 -2.58
N LEU A 18 -10.54 -1.82 -3.70
CA LEU A 18 -9.27 -1.22 -4.09
C LEU A 18 -9.47 -0.01 -5.01
N ARG A 19 -10.66 0.12 -5.58
CA ARG A 19 -10.97 1.22 -6.51
C ARG A 19 -11.75 2.37 -5.87
N ASP A 20 -12.83 2.03 -5.16
CA ASP A 20 -13.74 3.02 -4.57
C ASP A 20 -12.97 4.18 -3.93
N PRO A 21 -13.24 5.41 -4.38
CA PRO A 21 -12.64 6.63 -3.84
C PRO A 21 -12.90 6.83 -2.34
N LYS A 22 -13.93 6.16 -1.81
CA LYS A 22 -14.31 6.29 -0.41
C LYS A 22 -13.86 5.08 0.43
N SER A 23 -13.18 4.13 -0.21
CA SER A 23 -12.70 2.93 0.47
C SER A 23 -11.46 3.24 1.31
N GLU A 24 -11.42 2.67 2.51
CA GLU A 24 -10.29 2.84 3.42
C GLU A 24 -9.07 2.00 3.01
N VAL A 25 -9.22 1.23 1.94
CA VAL A 25 -8.12 0.39 1.43
C VAL A 25 -7.89 0.53 -0.08
N ASN A 26 -8.26 1.67 -0.65
CA ASN A 26 -7.94 1.94 -2.05
C ASN A 26 -6.45 2.21 -2.24
N SER A 27 -5.99 2.27 -3.49
CA SER A 27 -4.58 2.49 -3.81
C SER A 27 -3.96 3.65 -3.01
N ASP A 28 -4.71 4.73 -2.86
CA ASP A 28 -4.28 5.88 -2.06
C ASP A 28 -3.93 5.50 -0.63
N CYS A 29 -4.83 4.77 0.02
CA CYS A 29 -4.66 4.34 1.41
C CYS A 29 -3.52 3.33 1.57
N LEU A 30 -3.39 2.45 0.57
CA LEU A 30 -2.35 1.42 0.59
C LEU A 30 -0.96 2.02 0.37
N LEU A 31 -0.85 2.94 -0.58
CA LEU A 31 0.40 3.65 -0.84
C LEU A 31 0.79 4.55 0.32
N ASP A 32 -0.21 5.08 1.02
CA ASP A 32 0.01 5.83 2.26
C ASP A 32 0.50 4.92 3.39
N GLY A 33 -0.11 3.74 3.49
CA GLY A 33 0.24 2.75 4.50
C GLY A 33 1.69 2.32 4.41
N LEU A 34 2.17 2.07 3.20
CA LEU A 34 3.57 1.74 2.95
C LEU A 34 4.48 2.94 3.21
N ASP A 35 4.11 4.08 2.63
CA ASP A 35 4.87 5.33 2.77
C ASP A 35 5.06 5.71 4.24
N ALA A 36 4.02 5.50 5.04
CA ALA A 36 4.05 5.78 6.47
C ALA A 36 5.00 4.84 7.22
N LEU A 37 4.95 3.55 6.88
CA LEU A 37 5.78 2.54 7.53
C LEU A 37 7.27 2.81 7.37
N VAL A 38 7.70 3.04 6.12
CA VAL A 38 9.09 3.35 5.80
C VAL A 38 9.58 4.58 6.58
N TYR A 39 8.76 5.64 6.55
CA TYR A 39 9.03 6.86 7.32
C TYR A 39 9.20 6.59 8.81
N ASP A 40 8.32 5.75 9.35
CA ASP A 40 8.30 5.44 10.78
C ASP A 40 9.25 4.31 11.21
N LEU A 41 10.14 3.91 10.31
CA LEU A 41 11.12 2.86 10.61
C LEU A 41 12.56 3.27 10.33
N ASP A 42 12.74 4.19 9.39
CA ASP A 42 14.07 4.63 8.96
C ASP A 42 14.75 5.48 10.03
N PHE A 43 15.15 4.84 11.12
CA PHE A 43 15.87 5.48 12.21
C PHE A 43 16.93 4.52 12.74
N PRO A 44 18.19 4.99 12.83
CA PRO A 44 19.33 4.18 13.29
C PRO A 44 19.04 3.34 14.55
N ALA A 45 18.26 3.89 15.47
CA ALA A 45 17.87 3.18 16.69
C ALA A 45 17.00 1.96 16.38
N LEU A 46 16.13 2.08 15.39
CA LEU A 46 15.25 1.00 14.95
C LEU A 46 15.93 0.07 13.96
N ARG A 47 16.88 0.63 13.21
CA ARG A 47 17.66 -0.11 12.21
C ARG A 47 18.48 -1.25 12.81
N LYS A 48 18.64 -1.24 14.14
CA LYS A 48 19.35 -2.29 14.86
C LYS A 48 18.62 -3.63 14.75
N ASN A 49 17.28 -3.57 14.71
CA ASN A 49 16.45 -4.74 14.47
C ASN A 49 16.64 -5.22 13.03
N LYS A 50 16.89 -6.52 12.87
CA LYS A 50 17.12 -7.10 11.55
C LYS A 50 15.92 -7.00 10.61
N ASN A 51 14.77 -7.46 11.09
CA ASN A 51 13.51 -7.37 10.33
C ASN A 51 13.33 -6.00 9.70
N ILE A 52 13.47 -4.95 10.53
CA ILE A 52 13.34 -3.56 10.09
C ILE A 52 14.43 -3.17 9.09
N ASP A 53 15.69 -3.36 9.49
CA ASP A 53 16.86 -3.03 8.65
C ASP A 53 16.79 -3.69 7.28
N ASN A 54 16.41 -4.96 7.26
CA ASN A 54 16.26 -5.73 6.02
C ASN A 54 15.14 -5.19 5.14
N PHE A 55 13.94 -5.06 5.72
CA PHE A 55 12.75 -4.56 5.04
C PHE A 55 13.01 -3.23 4.32
N LEU A 56 13.69 -2.32 5.01
CA LEU A 56 13.99 -0.99 4.47
C LEU A 56 14.95 -1.04 3.29
N SER A 57 15.99 -1.87 3.41
CA SER A 57 16.96 -2.08 2.32
C SER A 57 16.30 -2.74 1.11
N ARG A 58 15.32 -3.59 1.39
CA ARG A 58 14.55 -4.29 0.35
C ARG A 58 13.69 -3.33 -0.47
N TYR A 59 13.08 -2.35 0.20
CA TYR A 59 12.17 -1.41 -0.46
C TYR A 59 12.77 -0.04 -0.77
N LYS A 60 14.02 0.18 -0.36
CA LYS A 60 14.71 1.46 -0.55
C LYS A 60 14.54 2.04 -1.96
N ASP A 61 14.90 1.26 -2.97
CA ASP A 61 14.81 1.68 -4.37
C ASP A 61 13.35 1.90 -4.78
N THR A 62 12.49 0.96 -4.39
CA THR A 62 11.07 1.02 -4.70
C THR A 62 10.39 2.25 -4.08
N ILE A 63 10.59 2.45 -2.78
CA ILE A 63 9.96 3.55 -2.05
C ILE A 63 10.39 4.93 -2.58
N ASN A 64 11.64 5.04 -3.03
CA ASN A 64 12.15 6.27 -3.62
C ASN A 64 11.54 6.56 -4.99
N LYS A 65 11.29 5.49 -5.75
CA LYS A 65 10.65 5.59 -7.06
C LYS A 65 9.19 6.06 -6.90
N ILE A 66 8.51 5.50 -5.91
CA ILE A 66 7.13 5.83 -5.59
C ILE A 66 6.98 7.32 -5.20
N ARG A 67 7.79 7.76 -4.25
CA ARG A 67 7.76 9.13 -3.75
C ARG A 67 8.02 10.18 -4.81
N ASP A 68 8.78 9.81 -5.85
CA ASP A 68 9.04 10.68 -6.98
C ASP A 68 7.86 10.68 -7.96
N LEU A 69 7.22 9.52 -8.14
CA LEU A 69 6.09 9.37 -9.06
C LEU A 69 4.79 9.97 -8.52
N ARG A 70 4.53 9.76 -7.23
CA ARG A 70 3.35 10.34 -6.57
C ARG A 70 3.48 11.84 -6.48
N MET A 71 2.35 12.52 -6.27
CA MET A 71 2.34 13.97 -6.14
C MET A 71 3.08 14.41 -4.88
N LYS A 72 4.05 15.31 -5.07
CA LYS A 72 4.88 15.82 -3.98
C LYS A 72 4.97 17.34 -3.97
N ALA A 73 5.53 17.89 -2.90
CA ALA A 73 5.61 19.34 -2.70
C ALA A 73 6.40 20.08 -3.79
N GLU A 74 7.55 19.53 -4.17
CA GLU A 74 8.41 20.16 -5.18
C GLU A 74 7.83 20.13 -6.60
N ASP A 75 6.66 19.52 -6.75
CA ASP A 75 5.91 19.57 -8.01
C ASP A 75 5.26 20.94 -8.20
N TYR A 76 5.18 21.71 -7.12
CA TYR A 76 4.53 23.02 -7.13
C TYR A 76 5.51 24.16 -6.88
N GLU A 77 5.33 25.25 -7.63
CA GLU A 77 6.08 26.48 -7.45
C GLU A 77 5.25 27.45 -6.62
N VAL A 78 5.72 27.74 -5.41
CA VAL A 78 5.03 28.67 -4.51
C VAL A 78 5.14 30.12 -5.02
N VAL A 79 4.01 30.67 -5.47
CA VAL A 79 3.96 32.02 -6.00
C VAL A 79 4.00 33.05 -4.88
N LYS A 80 3.24 32.80 -3.81
CA LYS A 80 3.12 33.73 -2.68
C LYS A 80 2.31 33.11 -1.54
N VAL A 81 2.70 33.42 -0.30
CA VAL A 81 1.93 33.03 0.88
C VAL A 81 0.77 34.01 1.05
N ILE A 82 -0.44 33.47 1.17
CA ILE A 82 -1.66 34.29 1.26
C ILE A 82 -2.42 34.10 2.57
N GLY A 83 -1.86 33.29 3.46
CA GLY A 83 -2.47 33.00 4.76
C GLY A 83 -1.54 32.15 5.60
N ARG A 84 -1.39 32.51 6.88
CA ARG A 84 -0.55 31.76 7.81
C ARG A 84 -1.12 31.85 9.22
N GLY A 85 -1.09 30.72 9.93
CA GLY A 85 -1.62 30.67 11.29
C GLY A 85 -1.28 29.42 12.07
N ALA A 86 -2.25 29.00 12.88
CA ALA A 86 -2.10 27.92 13.86
C ALA A 86 -1.36 26.67 13.37
N PHE A 87 -2.01 25.85 12.55
CA PHE A 87 -1.46 24.56 12.15
C PHE A 87 -0.73 24.57 10.82
N GLY A 88 -0.48 25.77 10.28
CA GLY A 88 0.27 25.91 9.04
C GLY A 88 -0.05 27.16 8.26
N GLU A 89 -0.01 27.05 6.93
CA GLU A 89 -0.19 28.19 6.05
C GLU A 89 -0.89 27.83 4.73
N VAL A 90 -1.40 28.86 4.06
CA VAL A 90 -1.99 28.72 2.73
C VAL A 90 -1.15 29.53 1.74
N GLN A 91 -0.78 28.90 0.64
CA GLN A 91 0.09 29.54 -0.36
C GLN A 91 -0.42 29.34 -1.78
N LEU A 92 -0.45 30.44 -2.53
CA LEU A 92 -0.77 30.39 -3.95
C LEU A 92 0.36 29.68 -4.68
N VAL A 93 0.01 28.61 -5.39
CA VAL A 93 1.00 27.80 -6.08
C VAL A 93 0.66 27.56 -7.54
N ARG A 94 1.69 27.30 -8.33
CA ARG A 94 1.54 26.90 -9.72
C ARG A 94 2.19 25.54 -9.90
N HIS A 95 1.47 24.61 -10.52
CA HIS A 95 2.02 23.29 -10.81
C HIS A 95 3.07 23.42 -11.92
N LYS A 96 4.31 23.09 -11.58
CA LYS A 96 5.45 23.26 -12.49
C LYS A 96 5.26 22.61 -13.87
N SER A 97 4.50 21.51 -13.90
CA SER A 97 4.26 20.78 -15.14
C SER A 97 3.03 21.28 -15.92
N THR A 98 1.87 21.30 -15.27
CA THR A 98 0.61 21.68 -15.92
C THR A 98 0.40 23.20 -16.00
N ARG A 99 1.24 23.95 -15.29
CA ARG A 99 1.18 25.43 -15.24
C ARG A 99 -0.11 25.96 -14.61
N LYS A 100 -0.94 25.05 -14.09
CA LYS A 100 -2.21 25.40 -13.46
C LYS A 100 -2.00 25.99 -12.08
N VAL A 101 -2.88 26.93 -11.71
CA VAL A 101 -2.75 27.67 -10.45
C VAL A 101 -3.73 27.16 -9.40
N TYR A 102 -3.24 26.94 -8.19
CA TYR A 102 -4.04 26.48 -7.06
C TYR A 102 -3.69 27.23 -5.78
N ALA A 103 -4.53 27.08 -4.76
CA ALA A 103 -4.22 27.52 -3.41
C ALA A 103 -3.95 26.30 -2.55
N MET A 104 -2.69 26.13 -2.14
CA MET A 104 -2.27 24.95 -1.38
C MET A 104 -2.21 25.24 0.12
N LYS A 105 -2.80 24.34 0.89
CA LYS A 105 -2.84 24.46 2.34
C LYS A 105 -1.92 23.44 3.00
N LEU A 106 -1.05 23.92 3.88
CA LEU A 106 -0.12 23.07 4.60
C LEU A 106 -0.55 22.89 6.05
N LEU A 107 -0.61 21.65 6.49
CA LEU A 107 -0.96 21.33 7.87
C LEU A 107 0.17 20.57 8.55
N SER A 108 0.78 21.23 9.54
CA SER A 108 1.88 20.65 10.29
C SER A 108 1.43 19.41 11.06
N LYS A 109 1.90 18.24 10.63
CA LYS A 109 1.57 16.97 11.26
C LYS A 109 1.89 16.97 12.75
N PHE A 110 3.09 17.45 13.07
CA PHE A 110 3.56 17.53 14.45
C PHE A 110 2.67 18.43 15.30
N GLU A 111 2.25 19.57 14.74
CA GLU A 111 1.45 20.54 15.47
C GLU A 111 0.03 20.05 15.77
N MET A 112 -0.57 19.35 14.81
CA MET A 112 -1.88 18.73 14.99
C MET A 112 -1.82 17.61 16.04
N ILE A 113 -0.69 16.89 16.06
CA ILE A 113 -0.44 15.87 17.07
C ILE A 113 -0.08 16.51 18.41
N LYS A 114 0.55 17.68 18.36
CA LYS A 114 0.89 18.45 19.56
C LYS A 114 -0.38 19.01 20.22
N ARG A 115 -1.25 18.09 20.62
CA ARG A 115 -2.52 18.38 21.30
C ARG A 115 -3.47 19.24 20.46
N SER A 116 -4.11 18.59 19.48
CA SER A 116 -5.25 19.17 18.80
C SER A 116 -6.51 18.58 19.42
N ASP A 117 -6.79 17.31 19.09
CA ASP A 117 -7.82 16.45 19.73
C ASP A 117 -8.94 15.94 18.80
N SER A 118 -8.88 16.28 17.52
CA SER A 118 -10.00 15.99 16.63
C SER A 118 -9.72 15.10 15.42
N ALA A 119 -8.50 15.19 14.87
CA ALA A 119 -8.21 14.70 13.51
C ALA A 119 -9.20 15.37 12.56
N PHE A 120 -9.43 16.66 12.83
CA PHE A 120 -10.38 17.52 12.13
C PHE A 120 -10.25 17.50 10.61
N PHE A 121 -9.04 17.19 10.14
CA PHE A 121 -8.71 17.21 8.71
C PHE A 121 -9.49 16.23 7.85
N TRP A 122 -10.02 15.17 8.48
CA TRP A 122 -10.83 14.18 7.77
C TRP A 122 -12.14 14.77 7.26
N GLU A 123 -12.78 15.59 8.09
CA GLU A 123 -14.00 16.30 7.72
C GLU A 123 -13.73 17.28 6.60
N GLU A 124 -12.60 17.99 6.72
CA GLU A 124 -12.17 18.99 5.76
C GLU A 124 -11.86 18.35 4.41
N ARG A 125 -11.21 17.19 4.43
CA ARG A 125 -10.88 16.44 3.23
C ARG A 125 -12.13 15.89 2.55
N ASP A 126 -13.02 15.29 3.34
CA ASP A 126 -14.24 14.65 2.84
C ASP A 126 -15.16 15.65 2.14
N ILE A 127 -15.51 16.73 2.84
CA ILE A 127 -16.43 17.74 2.32
C ILE A 127 -15.86 18.42 1.07
N MET A 128 -14.66 18.97 1.17
CA MET A 128 -14.04 19.69 0.05
C MET A 128 -13.81 18.82 -1.19
N ALA A 129 -13.70 17.51 -1.00
CA ALA A 129 -13.44 16.58 -2.11
C ALA A 129 -14.69 16.02 -2.78
N PHE A 130 -15.76 15.85 -1.99
CA PHE A 130 -16.97 15.17 -2.48
C PHE A 130 -18.23 16.02 -2.47
N ALA A 131 -18.18 17.19 -1.83
CA ALA A 131 -19.34 18.09 -1.79
C ALA A 131 -19.89 18.36 -3.18
N ASN A 132 -18.98 18.58 -4.13
CA ASN A 132 -19.34 18.88 -5.52
C ASN A 132 -20.42 19.96 -5.57
N SER A 133 -20.16 21.06 -4.88
CA SER A 133 -21.11 22.16 -4.75
C SER A 133 -20.44 23.48 -5.07
N PRO A 134 -21.15 24.37 -5.79
CA PRO A 134 -20.62 25.71 -6.09
C PRO A 134 -20.50 26.57 -4.83
N TRP A 135 -20.93 26.04 -3.69
CA TRP A 135 -20.86 26.74 -2.42
C TRP A 135 -19.70 26.27 -1.55
N VAL A 136 -18.98 25.26 -2.04
CA VAL A 136 -17.86 24.66 -1.30
C VAL A 136 -16.58 24.76 -2.13
N VAL A 137 -15.52 25.29 -1.52
CA VAL A 137 -14.20 25.33 -2.15
C VAL A 137 -13.77 23.91 -2.47
N GLN A 138 -13.47 23.66 -3.74
CA GLN A 138 -13.17 22.32 -4.22
C GLN A 138 -11.76 21.86 -3.88
N LEU A 139 -11.64 20.60 -3.48
CA LEU A 139 -10.34 19.97 -3.23
C LEU A 139 -10.01 19.06 -4.41
N PHE A 140 -8.93 19.39 -5.10
CA PHE A 140 -8.51 18.63 -6.28
C PHE A 140 -7.56 17.49 -5.91
N TYR A 141 -6.55 17.81 -5.13
CA TYR A 141 -5.55 16.83 -4.72
C TYR A 141 -5.22 16.96 -3.24
N ALA A 142 -4.91 15.82 -2.62
CA ALA A 142 -4.39 15.80 -1.26
C ALA A 142 -3.27 14.78 -1.21
N PHE A 143 -2.12 15.20 -0.68
CA PHE A 143 -0.97 14.33 -0.51
C PHE A 143 -0.23 14.71 0.76
N GLN A 144 0.89 14.03 1.01
CA GLN A 144 1.63 14.20 2.27
C GLN A 144 3.07 13.71 2.19
N ASP A 145 3.87 14.16 3.16
CA ASP A 145 5.18 13.60 3.42
C ASP A 145 5.28 13.25 4.91
N ASP A 146 6.50 13.17 5.44
CA ASP A 146 6.72 12.82 6.84
C ASP A 146 6.38 13.95 7.83
N ARG A 147 5.97 15.10 7.30
CA ARG A 147 5.89 16.32 8.12
C ARG A 147 4.64 17.19 7.91
N TYR A 148 4.16 17.27 6.67
CA TYR A 148 3.01 18.10 6.36
C TYR A 148 1.93 17.36 5.57
N LEU A 149 0.68 17.73 5.83
CA LEU A 149 -0.44 17.35 4.97
C LEU A 149 -0.63 18.46 3.96
N TYR A 150 -0.94 18.09 2.72
CA TYR A 150 -1.09 19.07 1.64
C TYR A 150 -2.47 18.98 1.02
N MET A 151 -3.14 20.13 0.93
CA MET A 151 -4.46 20.21 0.32
C MET A 151 -4.47 21.19 -0.84
N VAL A 152 -4.69 20.65 -2.04
CA VAL A 152 -4.70 21.43 -3.27
C VAL A 152 -6.14 21.82 -3.60
N MET A 153 -6.48 23.06 -3.30
CA MET A 153 -7.83 23.59 -3.51
C MET A 153 -7.85 24.55 -4.69
N GLU A 154 -9.05 24.85 -5.19
CA GLU A 154 -9.20 25.91 -6.19
C GLU A 154 -8.91 27.26 -5.55
N TYR A 155 -8.18 28.09 -6.29
CA TYR A 155 -7.82 29.42 -5.79
C TYR A 155 -9.02 30.35 -5.84
N MET A 156 -9.29 30.99 -4.70
CA MET A 156 -10.35 31.98 -4.58
C MET A 156 -9.70 33.37 -4.60
N PRO A 157 -9.58 33.98 -5.79
CA PRO A 157 -8.84 35.24 -5.95
C PRO A 157 -9.55 36.45 -5.38
N GLY A 158 -10.84 36.31 -5.09
CA GLY A 158 -11.65 37.43 -4.60
C GLY A 158 -11.42 37.82 -3.15
N GLY A 159 -10.61 37.05 -2.44
CA GLY A 159 -10.35 37.28 -1.02
C GLY A 159 -11.52 36.85 -0.16
N ASP A 160 -11.44 37.13 1.13
CA ASP A 160 -12.52 36.78 2.05
C ASP A 160 -13.42 37.97 2.41
N LEU A 161 -14.46 37.71 3.19
CA LEU A 161 -15.41 38.76 3.60
C LEU A 161 -14.84 39.71 4.65
N VAL A 162 -13.86 39.22 5.42
CA VAL A 162 -13.13 40.07 6.38
C VAL A 162 -12.46 41.23 5.63
N ASN A 163 -11.76 40.90 4.55
CA ASN A 163 -11.10 41.87 3.69
C ASN A 163 -12.09 42.84 3.04
N LEU A 164 -13.23 42.32 2.61
CA LEU A 164 -14.28 43.12 1.98
C LEU A 164 -14.90 44.12 2.96
N MET A 165 -15.24 43.66 4.16
CA MET A 165 -15.83 44.50 5.19
C MET A 165 -14.90 45.59 5.70
N SER A 166 -13.59 45.32 5.62
CA SER A 166 -12.58 46.28 6.05
C SER A 166 -12.28 47.35 5.00
N ASN A 167 -12.79 47.15 3.78
CA ASN A 167 -12.57 48.08 2.68
C ASN A 167 -13.84 48.82 2.23
N TYR A 168 -14.99 48.38 2.73
CA TYR A 168 -16.27 48.97 2.35
C TYR A 168 -17.21 49.12 3.54
N ASP A 169 -17.97 50.21 3.53
CA ASP A 169 -19.12 50.36 4.42
C ASP A 169 -20.30 49.67 3.72
N VAL A 170 -20.42 48.37 3.96
CA VAL A 170 -21.36 47.50 3.25
C VAL A 170 -22.81 48.01 3.29
N PRO A 171 -23.36 48.36 2.12
CA PRO A 171 -24.77 48.75 2.04
C PRO A 171 -25.68 47.52 2.11
N GLU A 172 -26.96 47.74 2.38
CA GLU A 172 -27.93 46.65 2.54
C GLU A 172 -28.00 45.72 1.34
N LYS A 173 -28.01 46.30 0.14
CA LYS A 173 -28.07 45.54 -1.11
C LYS A 173 -27.01 44.45 -1.15
N TRP A 174 -25.79 44.81 -0.75
CA TRP A 174 -24.67 43.88 -0.68
C TRP A 174 -24.87 42.87 0.44
N ALA A 175 -25.17 43.38 1.64
CA ALA A 175 -25.42 42.55 2.81
C ALA A 175 -26.43 41.45 2.53
N ARG A 176 -27.54 41.82 1.87
CA ARG A 176 -28.58 40.88 1.48
C ARG A 176 -28.04 39.78 0.58
N PHE A 177 -27.31 40.17 -0.45
CA PHE A 177 -26.72 39.23 -1.41
C PHE A 177 -25.82 38.22 -0.71
N TYR A 178 -24.87 38.72 0.09
CA TYR A 178 -23.90 37.88 0.78
C TYR A 178 -24.54 36.98 1.82
N THR A 179 -25.49 37.54 2.58
CA THR A 179 -26.27 36.76 3.54
C THR A 179 -27.03 35.65 2.82
N ALA A 180 -27.64 35.98 1.69
CA ALA A 180 -28.42 35.02 0.89
C ALA A 180 -27.56 33.88 0.34
N GLU A 181 -26.34 34.20 -0.09
CA GLU A 181 -25.41 33.20 -0.59
C GLU A 181 -24.88 32.31 0.54
N VAL A 182 -24.70 32.90 1.72
CA VAL A 182 -24.31 32.17 2.93
C VAL A 182 -25.40 31.18 3.34
N VAL A 183 -26.65 31.64 3.31
CA VAL A 183 -27.81 30.81 3.63
C VAL A 183 -27.87 29.57 2.73
N LEU A 184 -27.67 29.76 1.43
CA LEU A 184 -27.67 28.67 0.47
C LEU A 184 -26.46 27.73 0.66
N ALA A 185 -25.32 28.33 1.00
CA ALA A 185 -24.09 27.58 1.27
C ALA A 185 -24.23 26.70 2.51
N LEU A 186 -24.79 27.27 3.58
CA LEU A 186 -25.04 26.54 4.82
C LEU A 186 -26.09 25.46 4.65
N ASP A 187 -27.09 25.73 3.82
CA ASP A 187 -28.15 24.75 3.53
C ASP A 187 -27.60 23.56 2.75
N ALA A 188 -26.62 23.82 1.88
CA ALA A 188 -25.93 22.77 1.13
C ALA A 188 -25.14 21.87 2.07
N ILE A 189 -24.49 22.48 3.06
CA ILE A 189 -23.74 21.75 4.09
C ILE A 189 -24.68 20.92 4.97
N HIS A 190 -25.82 21.51 5.34
CA HIS A 190 -26.84 20.83 6.14
C HIS A 190 -27.45 19.65 5.40
N SER A 191 -27.67 19.82 4.10
CA SER A 191 -28.23 18.76 3.24
C SER A 191 -27.26 17.58 3.12
N MET A 192 -25.96 17.87 3.22
CA MET A 192 -24.94 16.84 3.23
C MET A 192 -24.89 16.10 4.57
N GLY A 193 -25.62 16.64 5.56
CA GLY A 193 -25.73 16.01 6.87
C GLY A 193 -24.76 16.54 7.91
N PHE A 194 -24.35 17.80 7.76
CA PHE A 194 -23.39 18.41 8.66
C PHE A 194 -23.90 19.70 9.31
N ILE A 195 -23.35 19.98 10.49
CA ILE A 195 -23.48 21.30 11.12
C ILE A 195 -22.09 21.93 11.06
N HIS A 196 -21.99 23.11 10.46
CA HIS A 196 -20.69 23.76 10.24
C HIS A 196 -19.99 24.16 11.53
N ARG A 197 -20.74 24.79 12.44
CA ARG A 197 -20.24 25.15 13.78
C ARG A 197 -19.26 26.32 13.85
N ASP A 198 -18.74 26.77 12.70
CA ASP A 198 -17.80 27.88 12.66
C ASP A 198 -18.05 28.82 11.48
N VAL A 199 -19.28 29.35 11.41
CA VAL A 199 -19.65 30.30 10.37
C VAL A 199 -19.11 31.68 10.72
N LYS A 200 -18.24 32.21 9.87
CA LYS A 200 -17.60 33.50 10.08
C LYS A 200 -16.99 34.04 8.77
N PRO A 201 -16.83 35.37 8.66
CA PRO A 201 -16.24 36.05 7.50
C PRO A 201 -14.92 35.46 7.02
N ASP A 202 -14.12 34.92 7.94
CA ASP A 202 -12.83 34.30 7.62
C ASP A 202 -13.02 33.07 6.72
N ASN A 203 -14.09 32.33 6.97
CA ASN A 203 -14.39 31.10 6.23
C ASN A 203 -15.22 31.34 4.96
N MET A 204 -15.49 32.61 4.66
CA MET A 204 -16.25 32.98 3.48
C MET A 204 -15.33 33.59 2.42
N LEU A 205 -15.17 32.87 1.31
CA LEU A 205 -14.24 33.26 0.25
C LEU A 205 -14.99 33.57 -1.05
N LEU A 206 -14.43 34.46 -1.86
CA LEU A 206 -15.06 34.86 -3.12
C LEU A 206 -14.24 34.38 -4.32
N ASP A 207 -14.92 33.91 -5.36
CA ASP A 207 -14.27 33.49 -6.60
C ASP A 207 -13.97 34.69 -7.50
N LYS A 208 -13.46 34.42 -8.71
CA LYS A 208 -13.11 35.46 -9.67
C LYS A 208 -14.30 36.31 -10.13
N SER A 209 -15.51 35.78 -9.93
CA SER A 209 -16.73 36.49 -10.29
C SER A 209 -17.36 37.22 -9.10
N GLY A 210 -16.77 37.02 -7.91
CA GLY A 210 -17.24 37.68 -6.69
C GLY A 210 -18.32 36.91 -5.95
N HIS A 211 -18.51 35.65 -6.33
CA HIS A 211 -19.50 34.79 -5.67
C HIS A 211 -18.89 33.99 -4.52
N LEU A 212 -19.72 33.74 -3.50
CA LEU A 212 -19.26 33.19 -2.23
C LEU A 212 -19.16 31.66 -2.22
N LYS A 213 -18.15 31.17 -1.50
CA LYS A 213 -17.98 29.76 -1.18
C LYS A 213 -17.51 29.64 0.25
N LEU A 214 -17.92 28.58 0.94
CA LEU A 214 -17.39 28.28 2.26
C LEU A 214 -16.06 27.54 2.14
N ALA A 215 -15.05 28.03 2.85
CA ALA A 215 -13.74 27.39 2.92
C ALA A 215 -13.49 26.93 4.34
N ASP A 216 -12.70 25.86 4.49
CA ASP A 216 -12.36 25.29 5.81
C ASP A 216 -13.58 24.68 6.50
N PHE A 217 -13.50 23.38 6.79
CA PHE A 217 -14.60 22.64 7.39
C PHE A 217 -14.14 21.72 8.54
N GLY A 218 -13.00 22.06 9.13
CA GLY A 218 -12.43 21.26 10.23
C GLY A 218 -13.34 21.12 11.43
N THR A 219 -14.22 22.10 11.61
CA THR A 219 -15.14 22.14 12.76
C THR A 219 -16.46 21.43 12.49
N CYS A 220 -16.65 20.94 11.26
CA CYS A 220 -17.88 20.26 10.87
C CYS A 220 -18.07 18.91 11.56
N MET A 221 -19.32 18.60 11.90
CA MET A 221 -19.67 17.34 12.53
C MET A 221 -20.96 16.78 11.95
N LYS A 222 -20.98 15.46 11.77
CA LYS A 222 -22.13 14.75 11.23
C LYS A 222 -23.29 14.75 12.23
N MET A 223 -24.47 15.14 11.75
CA MET A 223 -25.69 15.10 12.55
C MET A 223 -26.14 13.65 12.74
N ASN A 224 -26.92 13.42 13.79
CA ASN A 224 -27.56 12.12 13.99
C ASN A 224 -28.84 12.02 13.18
N LYS A 225 -29.63 10.96 13.43
CA LYS A 225 -30.91 10.75 12.74
C LYS A 225 -31.91 11.87 13.02
N GLU A 226 -31.91 12.37 14.25
CA GLU A 226 -32.78 13.47 14.65
C GLU A 226 -32.14 14.85 14.39
N GLY A 227 -31.09 14.86 13.57
CA GLY A 227 -30.42 16.10 13.16
C GLY A 227 -29.79 16.89 14.30
N MET A 228 -29.22 16.16 15.27
CA MET A 228 -28.60 16.78 16.44
C MET A 228 -27.15 16.33 16.59
N VAL A 229 -26.40 17.05 17.42
CA VAL A 229 -24.99 16.74 17.70
C VAL A 229 -24.74 16.82 19.21
N ARG A 230 -24.04 15.81 19.73
CA ARG A 230 -23.67 15.78 21.15
C ARG A 230 -22.19 16.14 21.33
N CYS A 231 -21.94 17.26 21.99
CA CYS A 231 -20.57 17.72 22.22
C CYS A 231 -20.41 18.40 23.58
N ASP A 232 -19.45 17.90 24.36
CA ASP A 232 -19.18 18.40 25.70
C ASP A 232 -18.30 19.65 25.71
N THR A 233 -17.42 19.76 24.71
CA THR A 233 -16.53 20.91 24.59
C THR A 233 -16.98 21.86 23.47
N ALA A 234 -17.00 23.16 23.77
CA ALA A 234 -17.45 24.18 22.82
C ALA A 234 -16.56 24.29 21.60
N VAL A 235 -17.17 24.62 20.46
CA VAL A 235 -16.44 24.77 19.19
C VAL A 235 -16.92 26.04 18.47
N GLY A 236 -15.96 26.81 17.96
CA GLY A 236 -16.27 28.01 17.18
C GLY A 236 -15.39 29.21 17.49
N THR A 237 -15.93 30.40 17.22
CA THR A 237 -15.22 31.66 17.39
C THR A 237 -15.99 32.57 18.35
N PRO A 238 -15.28 33.19 19.32
CA PRO A 238 -15.86 34.03 20.38
C PRO A 238 -17.02 34.94 19.94
N ASP A 239 -16.83 35.72 18.87
CA ASP A 239 -17.84 36.68 18.42
C ASP A 239 -19.09 36.05 17.81
N TYR A 240 -18.93 34.88 17.19
CA TYR A 240 -19.99 34.27 16.38
C TYR A 240 -20.67 33.05 17.02
N ILE A 241 -20.09 32.55 18.11
CA ILE A 241 -20.61 31.36 18.78
C ILE A 241 -21.97 31.62 19.44
N SER A 242 -22.92 30.71 19.21
CA SER A 242 -24.26 30.78 19.79
C SER A 242 -24.24 30.52 21.29
N PRO A 243 -25.31 30.95 22.01
CA PRO A 243 -25.37 30.72 23.45
C PRO A 243 -25.32 29.24 23.83
N GLU A 244 -26.01 28.40 23.07
CA GLU A 244 -26.11 26.97 23.39
C GLU A 244 -24.84 26.17 23.13
N VAL A 245 -24.13 26.52 22.05
CA VAL A 245 -22.86 25.86 21.73
C VAL A 245 -21.77 26.32 22.70
N LEU A 246 -21.86 27.59 23.12
CA LEU A 246 -20.92 28.14 24.08
C LEU A 246 -21.10 27.52 25.47
N LYS A 247 -22.36 27.34 25.87
CA LYS A 247 -22.68 26.74 27.18
C LYS A 247 -22.59 25.21 27.18
N SER A 248 -22.37 24.62 26.00
CA SER A 248 -22.26 23.17 25.87
C SER A 248 -21.32 22.60 26.91
N GLN A 249 -21.82 21.66 27.71
CA GLN A 249 -21.11 21.16 28.87
C GLN A 249 -21.08 19.64 28.93
N GLY A 250 -20.42 19.11 29.97
CA GLY A 250 -20.43 17.69 30.28
C GLY A 250 -21.81 17.22 30.71
N GLY A 251 -22.62 18.18 31.18
CA GLY A 251 -24.02 17.93 31.51
C GLY A 251 -24.78 17.31 30.35
N ASP A 252 -24.41 17.74 29.13
CA ASP A 252 -24.92 17.13 27.90
C ASP A 252 -24.25 17.74 26.66
N GLY A 253 -24.66 18.96 26.30
CA GLY A 253 -24.18 19.62 25.09
C GLY A 253 -24.81 19.00 23.86
N TYR A 254 -26.13 19.17 23.72
CA TYR A 254 -26.91 18.56 22.65
C TYR A 254 -27.65 19.63 21.88
N TYR A 255 -27.17 19.94 20.67
CA TYR A 255 -27.73 21.02 19.87
C TYR A 255 -27.92 20.67 18.40
N GLY A 256 -28.71 21.49 17.71
CA GLY A 256 -28.99 21.28 16.28
C GLY A 256 -28.32 22.32 15.39
N ARG A 257 -28.87 22.49 14.19
CA ARG A 257 -28.28 23.36 13.17
C ARG A 257 -28.63 24.85 13.36
N GLU A 258 -29.47 25.13 14.36
CA GLU A 258 -29.87 26.50 14.69
C GLU A 258 -28.66 27.33 15.15
N CYS A 259 -27.62 26.63 15.60
CA CYS A 259 -26.38 27.26 16.05
C CYS A 259 -25.63 27.94 14.91
N ASP A 260 -25.81 27.43 13.69
CA ASP A 260 -25.25 28.03 12.49
C ASP A 260 -26.01 29.30 12.09
N TRP A 261 -27.34 29.25 12.22
CA TRP A 261 -28.20 30.38 11.88
C TRP A 261 -27.98 31.59 12.77
N TRP A 262 -27.63 31.32 14.03
CA TRP A 262 -27.22 32.35 14.97
C TRP A 262 -26.01 33.11 14.44
N SER A 263 -25.01 32.37 13.97
CA SER A 263 -23.77 32.95 13.45
C SER A 263 -24.01 33.79 12.20
N VAL A 264 -25.01 33.41 11.41
CA VAL A 264 -25.44 34.19 10.24
C VAL A 264 -26.01 35.53 10.67
N GLY A 265 -26.74 35.54 11.79
CA GLY A 265 -27.27 36.76 12.38
C GLY A 265 -26.16 37.69 12.84
N VAL A 266 -25.13 37.12 13.45
CA VAL A 266 -23.94 37.86 13.86
C VAL A 266 -23.23 38.43 12.61
N PHE A 267 -23.18 37.62 11.56
CA PHE A 267 -22.59 38.01 10.28
C PHE A 267 -23.33 39.19 9.65
N LEU A 268 -24.66 39.13 9.63
CA LEU A 268 -25.50 40.18 9.05
C LEU A 268 -25.34 41.49 9.83
N TYR A 269 -25.41 41.39 11.16
CA TYR A 269 -25.23 42.54 12.04
C TYR A 269 -23.91 43.25 11.78
N GLU A 270 -22.83 42.47 11.69
CA GLU A 270 -21.49 43.01 11.50
C GLU A 270 -21.32 43.76 10.18
N MET A 271 -21.95 43.26 9.13
CA MET A 271 -21.88 43.89 7.80
C MET A 271 -22.54 45.26 7.76
N LEU A 272 -23.66 45.40 8.46
CA LEU A 272 -24.44 46.63 8.45
C LEU A 272 -23.99 47.65 9.49
N VAL A 273 -23.46 47.16 10.61
CA VAL A 273 -23.06 48.02 11.72
C VAL A 273 -21.56 48.34 11.71
N GLY A 274 -20.75 47.38 11.26
CA GLY A 274 -19.29 47.56 11.22
C GLY A 274 -18.60 46.98 12.44
N ASP A 275 -19.40 46.61 13.44
CA ASP A 275 -18.91 45.99 14.66
C ASP A 275 -19.73 44.72 14.92
N THR A 276 -19.14 43.78 15.66
CA THR A 276 -19.85 42.57 16.08
C THR A 276 -20.83 42.92 17.19
N PRO A 277 -22.02 42.27 17.20
CA PRO A 277 -23.09 42.61 18.15
C PRO A 277 -22.71 42.42 19.61
N PHE A 278 -21.65 41.65 19.87
CA PHE A 278 -21.24 41.36 21.23
C PHE A 278 -19.78 41.70 21.48
N TYR A 279 -19.28 42.71 20.76
CA TYR A 279 -17.93 43.22 21.00
C TYR A 279 -17.75 43.66 22.43
N ALA A 280 -16.57 43.42 22.98
CA ALA A 280 -16.21 43.88 24.33
C ALA A 280 -14.73 44.22 24.43
N ASP A 281 -14.35 44.85 25.53
CA ASP A 281 -12.95 45.16 25.84
C ASP A 281 -12.04 43.96 25.65
N SER A 282 -12.37 42.87 26.35
CA SER A 282 -11.62 41.64 26.27
C SER A 282 -12.50 40.49 25.79
N LEU A 283 -11.90 39.34 25.51
CA LEU A 283 -12.61 38.15 25.05
C LEU A 283 -13.70 37.71 26.02
N VAL A 284 -13.34 37.63 27.30
CA VAL A 284 -14.27 37.18 28.35
C VAL A 284 -15.51 38.07 28.51
N GLY A 285 -15.36 39.34 28.15
CA GLY A 285 -16.48 40.28 28.17
C GLY A 285 -17.52 39.93 27.10
N THR A 286 -17.02 39.54 25.94
CA THR A 286 -17.86 39.10 24.82
C THR A 286 -18.74 37.91 25.21
N TYR A 287 -18.16 36.99 25.98
CA TYR A 287 -18.87 35.83 26.52
C TYR A 287 -20.10 36.22 27.31
N SER A 288 -19.93 37.15 28.25
CA SER A 288 -21.01 37.62 29.10
C SER A 288 -22.12 38.27 28.28
N LYS A 289 -21.73 39.08 27.31
CA LYS A 289 -22.67 39.78 26.44
C LYS A 289 -23.48 38.82 25.56
N ILE A 290 -22.83 37.75 25.09
CA ILE A 290 -23.52 36.71 24.31
C ILE A 290 -24.57 35.99 25.17
N MET A 291 -24.18 35.60 26.37
CA MET A 291 -25.09 34.94 27.32
C MET A 291 -26.23 35.87 27.73
N ASN A 292 -25.94 37.17 27.76
CA ASN A 292 -26.94 38.19 28.06
C ASN A 292 -27.47 38.86 26.79
N HIS A 293 -27.51 38.09 25.70
CA HIS A 293 -27.95 38.60 24.38
C HIS A 293 -29.33 39.23 24.40
N LYS A 294 -30.19 38.76 25.32
CA LYS A 294 -31.55 39.27 25.46
C LYS A 294 -31.56 40.76 25.81
N ASN A 295 -30.55 41.20 26.55
CA ASN A 295 -30.45 42.60 26.97
C ASN A 295 -29.24 43.35 26.39
N SER A 296 -28.22 42.62 25.96
CA SER A 296 -26.99 43.24 25.45
C SER A 296 -27.06 43.62 23.97
N LEU A 297 -27.93 42.94 23.21
CA LEU A 297 -28.07 43.19 21.78
C LEU A 297 -28.84 44.48 21.50
N THR A 298 -28.13 45.50 21.06
CA THR A 298 -28.73 46.78 20.69
C THR A 298 -28.16 47.29 19.36
N PHE A 299 -28.93 48.12 18.68
CA PHE A 299 -28.49 48.77 17.45
C PHE A 299 -28.12 50.22 17.76
N PRO A 300 -27.00 50.71 17.19
CA PRO A 300 -26.62 52.11 17.40
C PRO A 300 -27.61 53.03 16.70
N ASP A 301 -27.72 54.28 17.16
CA ASP A 301 -28.63 55.24 16.56
C ASP A 301 -28.17 55.60 15.16
N ASP A 302 -28.48 54.70 14.22
CA ASP A 302 -28.06 54.83 12.84
C ASP A 302 -29.25 54.49 11.94
N ASN A 303 -29.90 55.52 11.42
CA ASN A 303 -31.09 55.36 10.58
C ASN A 303 -30.72 54.99 9.15
N ASP A 304 -30.11 53.82 9.00
CA ASP A 304 -29.70 53.28 7.71
C ASP A 304 -29.95 51.77 7.68
N ILE A 305 -30.16 51.21 8.87
CA ILE A 305 -30.53 49.81 9.01
C ILE A 305 -32.04 49.71 8.84
N SER A 306 -32.48 49.08 7.76
CA SER A 306 -33.91 48.93 7.46
C SER A 306 -34.62 48.12 8.53
N LYS A 307 -35.95 48.19 8.54
CA LYS A 307 -36.77 47.45 9.49
C LYS A 307 -36.55 45.94 9.34
N GLU A 308 -36.55 45.47 8.10
CA GLU A 308 -36.38 44.05 7.76
C GLU A 308 -35.03 43.51 8.23
N ALA A 309 -33.98 44.32 8.07
CA ALA A 309 -32.64 43.96 8.50
C ALA A 309 -32.59 43.71 10.01
N LYS A 310 -33.10 44.66 10.78
CA LYS A 310 -33.18 44.55 12.24
C LYS A 310 -34.00 43.33 12.67
N ASN A 311 -35.09 43.08 11.96
CA ASN A 311 -35.95 41.93 12.22
C ASN A 311 -35.23 40.59 12.06
N LEU A 312 -34.62 40.39 10.89
CA LEU A 312 -33.91 39.16 10.58
C LEU A 312 -32.79 38.89 11.58
N ILE A 313 -31.99 39.93 11.86
CA ILE A 313 -30.91 39.87 12.85
C ILE A 313 -31.43 39.41 14.21
N CYS A 314 -32.52 40.04 14.67
CA CYS A 314 -33.15 39.69 15.94
C CYS A 314 -33.82 38.32 15.92
N ALA A 315 -34.31 37.91 14.75
CA ALA A 315 -34.89 36.58 14.57
C ALA A 315 -33.82 35.49 14.64
N PHE A 316 -32.59 35.87 14.28
CA PHE A 316 -31.44 34.97 14.36
C PHE A 316 -30.75 35.02 15.72
N LEU A 317 -30.70 36.22 16.32
CA LEU A 317 -30.00 36.41 17.59
C LEU A 317 -30.92 36.25 18.79
N THR A 318 -31.66 35.15 18.81
CA THR A 318 -32.56 34.81 19.90
C THR A 318 -32.25 33.41 20.44
N ASP A 319 -32.98 32.99 21.47
CA ASP A 319 -32.84 31.66 22.04
C ASP A 319 -33.20 30.59 21.01
N ARG A 320 -32.39 29.52 20.98
CA ARG A 320 -32.56 28.40 20.06
C ARG A 320 -34.01 27.96 19.84
N GLU A 321 -34.79 27.93 20.92
CA GLU A 321 -36.18 27.48 20.90
C GLU A 321 -37.09 28.30 19.99
N VAL A 322 -36.84 29.60 19.90
CA VAL A 322 -37.67 30.50 19.08
C VAL A 322 -36.89 31.06 17.88
N ARG A 323 -35.69 30.53 17.65
CA ARG A 323 -34.80 31.04 16.61
C ARG A 323 -35.28 30.71 15.19
N LEU A 324 -35.25 31.71 14.32
CA LEU A 324 -35.60 31.54 12.91
C LEU A 324 -34.64 30.55 12.26
N GLY A 325 -35.20 29.61 11.49
CA GLY A 325 -34.42 28.55 10.86
C GLY A 325 -34.69 27.18 11.46
N ARG A 326 -35.33 27.17 12.62
CA ARG A 326 -35.69 25.93 13.32
C ARG A 326 -36.67 25.08 12.51
N ASN A 327 -37.49 25.75 11.71
CA ASN A 327 -38.50 25.08 10.88
C ASN A 327 -38.04 24.93 9.43
N GLY A 328 -36.72 24.81 9.23
CA GLY A 328 -36.14 24.67 7.90
C GLY A 328 -35.67 26.00 7.32
N VAL A 329 -34.98 25.92 6.19
CA VAL A 329 -34.43 27.11 5.52
C VAL A 329 -35.50 27.92 4.79
N GLU A 330 -36.63 27.28 4.48
CA GLU A 330 -37.70 27.93 3.72
C GLU A 330 -38.32 29.11 4.45
N GLU A 331 -38.41 29.03 5.77
CA GLU A 331 -38.91 30.13 6.59
C GLU A 331 -37.92 31.30 6.65
N ILE A 332 -36.63 31.00 6.44
CA ILE A 332 -35.60 32.04 6.32
C ILE A 332 -35.69 32.71 4.96
N LYS A 333 -35.77 31.91 3.90
CA LYS A 333 -35.86 32.40 2.53
C LYS A 333 -37.07 33.29 2.29
N ARG A 334 -38.16 32.98 2.99
CA ARG A 334 -39.40 33.75 2.88
C ARG A 334 -39.40 35.05 3.70
N HIS A 335 -38.31 35.30 4.43
CA HIS A 335 -38.19 36.52 5.21
C HIS A 335 -38.19 37.75 4.31
N LEU A 336 -38.89 38.80 4.75
CA LEU A 336 -39.06 40.03 3.97
C LEU A 336 -37.76 40.76 3.66
N PHE A 337 -36.74 40.57 4.50
CA PHE A 337 -35.42 41.18 4.28
C PHE A 337 -34.83 40.77 2.92
N PHE A 338 -35.04 39.51 2.55
CA PHE A 338 -34.54 38.99 1.29
C PHE A 338 -35.39 39.39 0.08
N LYS A 339 -36.58 39.92 0.33
CA LYS A 339 -37.48 40.33 -0.75
C LYS A 339 -36.87 41.46 -1.57
N ASN A 340 -36.59 41.16 -2.83
CA ASN A 340 -35.98 42.10 -3.75
C ASN A 340 -36.43 41.86 -5.20
N ASP A 341 -35.93 42.67 -6.13
CA ASP A 341 -36.28 42.56 -7.54
C ASP A 341 -35.06 42.41 -8.45
N GLN A 342 -33.97 41.91 -7.88
CA GLN A 342 -32.73 41.79 -8.63
C GLN A 342 -32.32 40.33 -8.82
N TRP A 343 -32.76 39.47 -7.91
CA TRP A 343 -32.47 38.04 -7.98
C TRP A 343 -33.54 37.17 -7.33
N ALA A 344 -33.57 35.90 -7.74
CA ALA A 344 -34.37 34.87 -7.08
C ALA A 344 -33.42 33.82 -6.50
N TRP A 345 -33.89 33.12 -5.45
CA TRP A 345 -33.07 32.13 -4.74
C TRP A 345 -32.46 31.05 -5.63
N GLU A 346 -33.26 30.54 -6.56
CA GLU A 346 -32.84 29.45 -7.45
C GLU A 346 -31.90 29.90 -8.58
N THR A 347 -31.77 31.20 -8.77
CA THR A 347 -30.92 31.75 -9.83
C THR A 347 -29.84 32.72 -9.30
N LEU A 348 -29.74 32.82 -7.98
CA LEU A 348 -28.87 33.80 -7.31
C LEU A 348 -27.40 33.76 -7.74
N ARG A 349 -26.81 32.56 -7.80
CA ARG A 349 -25.38 32.44 -8.13
C ARG A 349 -25.10 32.59 -9.63
N ASP A 350 -26.15 32.89 -10.40
CA ASP A 350 -26.01 33.17 -11.83
C ASP A 350 -26.14 34.67 -12.12
N THR A 351 -26.61 35.42 -11.13
CA THR A 351 -26.72 36.87 -11.22
C THR A 351 -25.34 37.51 -11.05
N VAL A 352 -25.23 38.78 -11.45
CA VAL A 352 -23.98 39.52 -11.29
C VAL A 352 -23.77 39.95 -9.84
N ALA A 353 -22.60 39.63 -9.30
CA ALA A 353 -22.25 39.92 -7.90
C ALA A 353 -22.09 41.43 -7.66
N PRO A 354 -22.34 41.89 -6.41
CA PRO A 354 -22.20 43.30 -6.04
C PRO A 354 -20.77 43.83 -6.23
N VAL A 355 -19.77 42.97 -6.04
CA VAL A 355 -18.37 43.32 -6.27
C VAL A 355 -17.72 42.25 -7.14
N VAL A 356 -17.51 42.57 -8.42
CA VAL A 356 -16.82 41.66 -9.33
C VAL A 356 -15.35 42.06 -9.38
N PRO A 357 -14.47 41.23 -8.79
CA PRO A 357 -13.04 41.55 -8.71
C PRO A 357 -12.40 41.69 -10.08
N ASP A 358 -11.62 42.76 -10.25
CA ASP A 358 -10.85 43.00 -11.46
C ASP A 358 -9.43 42.50 -11.24
N LEU A 359 -9.07 41.42 -11.91
CA LEU A 359 -7.79 40.76 -11.69
C LEU A 359 -6.80 41.01 -12.83
N SER A 360 -5.54 41.25 -12.46
CA SER A 360 -4.48 41.49 -13.43
C SER A 360 -4.05 40.20 -14.12
N SER A 361 -3.65 39.21 -13.32
CA SER A 361 -3.22 37.91 -13.82
C SER A 361 -3.94 36.79 -13.07
N ASP A 362 -3.61 35.54 -13.42
CA ASP A 362 -4.15 34.37 -12.72
C ASP A 362 -3.60 34.26 -11.30
N ILE A 363 -2.45 34.90 -11.06
CA ILE A 363 -1.79 34.90 -9.76
C ILE A 363 -1.99 36.21 -8.99
N ASP A 364 -3.04 36.96 -9.35
CA ASP A 364 -3.36 38.22 -8.68
C ASP A 364 -3.82 37.94 -7.24
N THR A 365 -3.05 38.45 -6.27
CA THR A 365 -3.34 38.25 -4.85
C THR A 365 -3.60 39.57 -4.12
N SER A 366 -4.12 40.56 -4.85
CA SER A 366 -4.37 41.90 -4.29
C SER A 366 -5.44 41.91 -3.19
N ASN A 367 -6.33 40.92 -3.24
CA ASN A 367 -7.40 40.79 -2.24
C ASN A 367 -6.97 40.03 -0.98
N PHE A 368 -5.67 39.79 -0.86
CA PHE A 368 -5.09 39.13 0.31
C PHE A 368 -3.95 39.98 0.87
N ASP A 369 -3.90 40.11 2.19
CA ASP A 369 -2.86 40.89 2.86
C ASP A 369 -1.48 40.28 2.63
N ASP A 370 -0.50 41.14 2.44
CA ASP A 370 0.87 40.73 2.13
C ASP A 370 1.54 40.10 3.35
N LEU A 371 1.70 38.77 3.30
CA LEU A 371 2.36 38.05 4.39
C LEU A 371 3.83 37.80 4.09
N GLU A 372 4.64 37.83 5.15
CA GLU A 372 6.10 37.81 5.07
C GLU A 372 6.70 36.79 4.10
N GLU A 373 6.25 35.53 4.20
CA GLU A 373 6.88 34.42 3.48
C GLU A 373 8.30 34.18 4.03
N ASP A 374 8.80 32.96 3.87
CA ASP A 374 10.16 32.55 4.25
C ASP A 374 10.17 31.42 5.29
N LYS A 375 10.35 31.78 6.56
CA LYS A 375 10.36 30.84 7.69
C LYS A 375 11.74 30.24 7.97
N GLY A 376 12.08 29.18 7.25
CA GLY A 376 13.25 28.37 7.59
C GLY A 376 12.77 27.20 8.42
N GLU A 377 12.35 26.15 7.72
CA GLU A 377 11.72 24.95 8.27
C GLU A 377 11.69 24.77 9.80
N GLU A 378 10.47 24.66 10.33
CA GLU A 378 10.23 24.63 11.77
C GLU A 378 10.31 23.22 12.35
N GLU A 379 10.42 23.13 13.67
CA GLU A 379 10.58 21.86 14.37
C GLU A 379 9.39 20.92 14.19
N THR A 380 9.69 19.67 13.88
CA THR A 380 8.68 18.64 13.66
C THR A 380 8.73 17.59 14.79
N PHE A 381 8.61 16.32 14.45
CA PHE A 381 8.71 15.23 15.42
C PHE A 381 10.16 15.02 15.88
N PRO A 382 10.35 14.65 17.16
CA PRO A 382 11.68 14.28 17.62
C PRO A 382 12.05 12.85 17.19
N ILE A 383 13.30 12.66 16.79
CA ILE A 383 13.80 11.36 16.32
C ILE A 383 13.53 10.28 17.37
N PRO A 384 12.72 9.27 17.02
CA PRO A 384 12.33 8.21 17.95
C PRO A 384 13.48 7.29 18.35
N LYS A 385 13.40 6.76 19.57
CA LYS A 385 14.37 5.78 20.07
C LYS A 385 13.76 4.38 19.99
N ALA A 386 12.44 4.33 20.06
CA ALA A 386 11.65 3.12 19.84
C ALA A 386 10.59 3.41 18.79
N PHE A 387 9.84 2.39 18.38
CA PHE A 387 8.77 2.57 17.38
C PHE A 387 7.62 3.38 17.96
N VAL A 388 7.34 4.52 17.34
CA VAL A 388 6.27 5.42 17.79
C VAL A 388 5.06 5.39 16.85
N GLY A 389 5.32 5.43 15.54
CA GLY A 389 4.27 5.38 14.52
C GLY A 389 3.50 6.68 14.34
N ASN A 390 4.22 7.79 14.23
CA ASN A 390 3.62 9.12 14.09
C ASN A 390 2.87 9.37 12.80
N GLN A 391 3.24 8.64 11.74
CA GLN A 391 2.64 8.82 10.42
C GLN A 391 1.35 8.02 10.24
N LEU A 392 1.07 7.13 11.19
CA LEU A 392 -0.11 6.25 11.14
C LEU A 392 -1.47 6.97 11.13
N PRO A 393 -1.66 8.02 11.95
CA PRO A 393 -2.93 8.77 11.93
C PRO A 393 -3.26 9.45 10.59
N PHE A 394 -2.26 9.69 9.75
CA PHE A 394 -2.46 10.38 8.48
C PHE A 394 -2.49 9.43 7.28
N VAL A 395 -2.67 8.14 7.55
CA VAL A 395 -2.76 7.12 6.50
C VAL A 395 -4.13 7.18 5.83
N GLY A 396 -4.13 7.35 4.51
CA GLY A 396 -5.35 7.41 3.73
C GLY A 396 -5.82 8.82 3.44
N PHE A 397 -5.04 9.81 3.87
CA PHE A 397 -5.35 11.21 3.63
C PHE A 397 -5.14 11.59 2.16
N THR A 398 -4.20 10.92 1.51
CA THR A 398 -3.90 11.18 0.10
C THR A 398 -5.13 11.01 -0.78
N TYR A 399 -5.35 12.00 -1.64
CA TYR A 399 -6.45 12.00 -2.60
C TYR A 399 -5.84 12.29 -3.97
N TYR A 400 -5.46 11.22 -4.67
CA TYR A 400 -4.72 11.33 -5.93
C TYR A 400 -4.96 10.13 -6.85
N SER A 401 -4.79 8.92 -6.29
CA SER A 401 -4.91 7.68 -7.08
C SER A 401 -6.35 7.22 -7.23
N ASN A 402 -7.21 7.58 -6.28
CA ASN A 402 -8.62 7.19 -6.30
C ASN A 402 -9.54 8.39 -6.09
N ARG A 403 -9.58 9.26 -7.08
CA ARG A 403 -10.45 10.45 -7.02
C ARG A 403 -11.75 10.17 -7.77
N ARG A 404 -12.79 10.91 -7.42
CA ARG A 404 -14.09 10.78 -8.07
C ARG A 404 -14.19 11.70 -9.28
N TYR A 405 -14.71 11.17 -10.38
CA TYR A 405 -14.85 11.92 -11.62
C TYR A 405 -16.31 11.99 -12.07
N MET B 5 8.59 13.94 -18.45
CA MET B 5 7.27 13.27 -18.63
C MET B 5 6.12 14.18 -18.21
N SER B 6 5.00 14.09 -18.92
CA SER B 6 3.81 14.86 -18.61
C SER B 6 3.13 14.33 -17.34
N PHE B 7 2.22 15.13 -16.78
CA PHE B 7 1.46 14.73 -15.59
C PHE B 7 0.66 13.46 -15.84
N GLU B 8 0.07 13.37 -17.03
CA GLU B 8 -0.69 12.20 -17.45
C GLU B 8 0.18 10.95 -17.44
N THR B 9 1.41 11.08 -17.94
CA THR B 9 2.38 9.98 -17.98
C THR B 9 2.76 9.53 -16.57
N ARG B 10 3.18 10.50 -15.73
CA ARG B 10 3.54 10.23 -14.34
C ARG B 10 2.41 9.54 -13.57
N PHE B 11 1.20 10.07 -13.73
CA PHE B 11 0.01 9.50 -13.10
C PHE B 11 -0.24 8.07 -13.57
N GLU B 12 -0.10 7.84 -14.87
CA GLU B 12 -0.42 6.54 -15.48
C GLU B 12 0.67 5.49 -15.27
N LYS B 13 1.93 5.93 -15.22
CA LYS B 13 3.04 5.05 -14.84
C LYS B 13 2.81 4.47 -13.46
N MET B 14 2.43 5.34 -12.52
CA MET B 14 2.11 4.96 -11.15
C MET B 14 0.86 4.08 -11.07
N ASP B 15 -0.12 4.35 -11.92
CA ASP B 15 -1.37 3.58 -11.92
C ASP B 15 -1.19 2.19 -12.56
N ASN B 16 -0.30 2.09 -13.54
CA ASN B 16 0.06 0.81 -14.13
C ASN B 16 0.84 -0.07 -13.14
N LEU B 17 1.68 0.58 -12.33
CA LEU B 17 2.44 -0.07 -11.26
C LEU B 17 1.57 -0.86 -10.29
N LEU B 18 0.37 -0.34 -10.02
CA LEU B 18 -0.57 -0.97 -9.10
C LEU B 18 -1.22 -2.23 -9.68
N ARG B 19 -1.12 -2.38 -11.00
CA ARG B 19 -1.72 -3.54 -11.70
C ARG B 19 -0.70 -4.50 -12.30
N ASP B 20 0.56 -4.05 -12.40
CA ASP B 20 1.65 -4.88 -12.92
C ASP B 20 1.92 -6.05 -11.97
N PRO B 21 1.72 -7.30 -12.45
CA PRO B 21 1.97 -8.49 -11.63
C PRO B 21 3.42 -8.62 -11.17
N LYS B 22 4.34 -7.99 -11.90
CA LYS B 22 5.77 -8.05 -11.59
C LYS B 22 6.24 -6.86 -10.77
N SER B 23 5.28 -6.11 -10.22
CA SER B 23 5.58 -4.92 -9.44
C SER B 23 5.60 -5.21 -7.94
N GLU B 24 6.61 -4.68 -7.25
CA GLU B 24 6.72 -4.80 -5.80
C GLU B 24 5.69 -3.94 -5.09
N VAL B 25 5.08 -3.00 -5.82
CA VAL B 25 4.05 -2.12 -5.27
C VAL B 25 2.67 -2.31 -5.91
N ASN B 26 2.44 -3.46 -6.53
CA ASN B 26 1.12 -3.80 -7.06
C ASN B 26 0.14 -3.93 -5.89
N SER B 27 -1.16 -3.87 -6.18
CA SER B 27 -2.20 -3.87 -5.15
C SER B 27 -2.06 -5.00 -4.12
N ASP B 28 -1.75 -6.21 -4.59
CA ASP B 28 -1.63 -7.39 -3.73
C ASP B 28 -0.50 -7.27 -2.70
N CYS B 29 0.63 -6.74 -3.14
CA CYS B 29 1.79 -6.52 -2.27
C CYS B 29 1.52 -5.44 -1.22
N LEU B 30 0.84 -4.38 -1.64
CA LEU B 30 0.49 -3.28 -0.74
C LEU B 30 -0.49 -3.74 0.35
N LEU B 31 -1.39 -4.64 -0.02
CA LEU B 31 -2.31 -5.26 0.94
C LEU B 31 -1.55 -6.11 1.96
N ASP B 32 -0.48 -6.76 1.53
CA ASP B 32 0.41 -7.49 2.42
C ASP B 32 0.98 -6.57 3.49
N GLY B 33 1.55 -5.44 3.04
CA GLY B 33 2.14 -4.44 3.93
C GLY B 33 1.21 -3.93 4.99
N LEU B 34 -0.02 -3.63 4.60
CA LEU B 34 -1.06 -3.19 5.54
C LEU B 34 -1.51 -4.35 6.43
N ASP B 35 -1.68 -5.53 5.83
CA ASP B 35 -2.04 -6.74 6.56
C ASP B 35 -1.00 -7.08 7.62
N ALA B 36 0.27 -6.99 7.23
CA ALA B 36 1.40 -7.27 8.13
C ALA B 36 1.48 -6.27 9.27
N LEU B 37 1.43 -4.98 8.93
CA LEU B 37 1.49 -3.89 9.92
C LEU B 37 0.44 -4.04 11.02
N VAL B 38 -0.72 -4.58 10.66
CA VAL B 38 -1.79 -4.85 11.62
C VAL B 38 -1.41 -5.99 12.58
N TYR B 39 -0.77 -7.03 12.05
CA TYR B 39 -0.31 -8.17 12.86
C TYR B 39 0.77 -7.79 13.86
N ASP B 40 1.82 -7.13 13.37
CA ASP B 40 2.99 -6.78 14.19
C ASP B 40 2.77 -5.57 15.10
N LEU B 41 1.51 -5.22 15.33
CA LEU B 41 1.17 -4.11 16.22
C LEU B 41 0.03 -4.45 17.18
N ASP B 42 -0.79 -5.42 16.81
CA ASP B 42 -1.96 -5.81 17.60
C ASP B 42 -1.56 -6.58 18.86
N PHE B 43 -0.76 -5.94 19.70
CA PHE B 43 -0.33 -6.49 20.97
C PHE B 43 -0.55 -5.46 22.07
N PRO B 44 -1.10 -5.88 23.23
CA PRO B 44 -1.46 -4.99 24.34
C PRO B 44 -0.34 -4.06 24.78
N ALA B 45 0.91 -4.53 24.68
CA ALA B 45 2.08 -3.72 25.01
C ALA B 45 2.20 -2.51 24.10
N LEU B 46 1.97 -2.73 22.80
CA LEU B 46 2.07 -1.67 21.79
C LEU B 46 0.80 -0.82 21.70
N ARG B 47 -0.33 -1.43 22.02
CA ARG B 47 -1.63 -0.75 22.04
C ARG B 47 -1.66 0.44 23.01
N LYS B 48 -0.64 0.53 23.87
CA LYS B 48 -0.48 1.64 24.81
C LYS B 48 -0.26 2.96 24.08
N ASN B 49 0.40 2.90 22.92
CA ASN B 49 0.58 4.07 22.06
C ASN B 49 -0.71 4.40 21.33
N LYS B 50 -1.09 5.68 21.35
CA LYS B 50 -2.33 6.14 20.73
C LYS B 50 -2.34 6.03 19.21
N ASN B 51 -1.25 6.46 18.58
CA ASN B 51 -1.07 6.31 17.13
C ASN B 51 -1.36 4.89 16.66
N ILE B 52 -0.87 3.92 17.45
CA ILE B 52 -1.07 2.50 17.16
C ILE B 52 -2.49 2.05 17.50
N ASP B 53 -2.96 2.40 18.70
CA ASP B 53 -4.30 2.02 19.16
C ASP B 53 -5.42 2.53 18.24
N ASN B 54 -5.30 3.79 17.83
CA ASN B 54 -6.27 4.42 16.92
C ASN B 54 -6.20 3.82 15.52
N PHE B 55 -4.98 3.50 15.09
CA PHE B 55 -4.75 2.88 13.78
C PHE B 55 -5.45 1.54 13.64
N LEU B 56 -5.28 0.68 14.66
CA LEU B 56 -5.87 -0.65 14.66
C LEU B 56 -7.39 -0.61 14.80
N SER B 57 -7.88 0.35 15.59
CA SER B 57 -9.32 0.55 15.78
C SER B 57 -10.01 0.95 14.48
N ARG B 58 -9.30 1.73 13.65
CA ARG B 58 -9.82 2.17 12.36
C ARG B 58 -9.87 1.03 11.35
N TYR B 59 -8.77 0.28 11.25
CA TYR B 59 -8.67 -0.78 10.25
C TYR B 59 -9.08 -2.17 10.75
N LYS B 60 -9.68 -2.23 11.93
CA LYS B 60 -10.18 -3.49 12.49
C LYS B 60 -11.16 -4.17 11.53
N ASP B 61 -12.28 -3.50 11.28
CA ASP B 61 -13.32 -4.01 10.37
C ASP B 61 -12.75 -4.33 9.00
N THR B 62 -12.13 -3.32 8.38
CA THR B 62 -11.60 -3.40 7.03
C THR B 62 -10.62 -4.57 6.85
N ILE B 63 -9.65 -4.70 7.75
CA ILE B 63 -8.60 -5.72 7.63
C ILE B 63 -9.12 -7.16 7.75
N ASN B 64 -10.17 -7.36 8.53
CA ASN B 64 -10.79 -8.68 8.70
C ASN B 64 -11.47 -9.14 7.42
N LYS B 65 -12.30 -8.25 6.87
CA LYS B 65 -13.02 -8.52 5.61
C LYS B 65 -12.03 -8.84 4.49
N ILE B 66 -10.98 -8.02 4.37
CA ILE B 66 -9.88 -8.24 3.42
C ILE B 66 -9.34 -9.66 3.54
N ARG B 67 -8.99 -10.07 4.76
CA ARG B 67 -8.44 -11.40 5.04
C ARG B 67 -9.39 -12.54 4.65
N ASP B 68 -10.69 -12.33 4.83
CA ASP B 68 -11.69 -13.33 4.47
C ASP B 68 -11.94 -13.39 2.96
N LEU B 69 -11.76 -12.25 2.28
CA LEU B 69 -12.03 -12.16 0.85
C LEU B 69 -10.87 -12.69 -0.03
N ARG B 70 -9.65 -12.30 0.31
CA ARG B 70 -8.45 -12.73 -0.42
C ARG B 70 -8.29 -14.25 -0.36
N MET B 71 -7.44 -14.78 -1.24
CA MET B 71 -7.17 -16.22 -1.27
C MET B 71 -6.55 -16.68 0.05
N LYS B 72 -7.20 -17.64 0.68
CA LYS B 72 -6.77 -18.18 1.97
C LYS B 72 -6.66 -19.71 1.95
N ALA B 73 -6.13 -20.26 3.05
CA ALA B 73 -5.88 -21.71 3.16
C ALA B 73 -7.13 -22.57 3.05
N GLU B 74 -8.19 -22.17 3.77
CA GLU B 74 -9.44 -22.93 3.78
C GLU B 74 -10.24 -22.88 2.47
N ASP B 75 -9.65 -22.21 1.46
CA ASP B 75 -10.19 -22.22 0.10
C ASP B 75 -9.80 -23.52 -0.61
N TYR B 76 -8.85 -24.25 -0.03
CA TYR B 76 -8.35 -25.49 -0.61
C TYR B 76 -8.64 -26.71 0.24
N GLU B 77 -9.02 -27.79 -0.41
CA GLU B 77 -9.22 -29.08 0.22
C GLU B 77 -7.96 -29.93 0.03
N VAL B 78 -7.27 -30.22 1.12
CA VAL B 78 -6.06 -31.04 1.09
C VAL B 78 -6.41 -32.51 0.79
N VAL B 79 -6.02 -32.97 -0.39
CA VAL B 79 -6.30 -34.33 -0.83
C VAL B 79 -5.32 -35.32 -0.20
N LYS B 80 -4.04 -34.95 -0.16
CA LYS B 80 -2.98 -35.82 0.38
C LYS B 80 -1.65 -35.07 0.48
N VAL B 81 -0.88 -35.39 1.53
CA VAL B 81 0.48 -34.88 1.67
C VAL B 81 1.41 -35.71 0.79
N ILE B 82 2.25 -35.03 -0.01
CA ILE B 82 3.15 -35.71 -0.95
C ILE B 82 4.63 -35.36 -0.76
N GLY B 83 4.90 -34.43 0.16
CA GLY B 83 6.26 -33.98 0.47
C GLY B 83 6.27 -33.33 1.85
N ARG B 84 7.41 -33.43 2.55
CA ARG B 84 7.55 -32.87 3.90
C ARG B 84 9.03 -32.62 4.23
N GLY B 85 9.28 -32.11 5.43
CA GLY B 85 10.64 -31.89 5.92
C GLY B 85 10.97 -30.44 6.12
N ALA B 86 11.68 -29.86 5.16
CA ALA B 86 12.24 -28.49 5.18
C ALA B 86 11.56 -27.48 6.12
N PHE B 87 10.85 -26.52 5.54
CA PHE B 87 10.14 -25.49 6.31
C PHE B 87 8.64 -25.76 6.32
N GLY B 88 8.24 -26.85 5.69
CA GLY B 88 6.84 -27.23 5.61
C GLY B 88 6.65 -28.47 4.76
N GLU B 89 5.43 -28.67 4.30
CA GLU B 89 5.06 -29.85 3.54
C GLU B 89 4.39 -29.51 2.20
N VAL B 90 4.68 -30.32 1.19
CA VAL B 90 4.03 -30.20 -0.11
C VAL B 90 2.83 -31.15 -0.12
N GLN B 91 1.66 -30.59 -0.41
CA GLN B 91 0.41 -31.34 -0.37
C GLN B 91 -0.44 -31.15 -1.61
N LEU B 92 -0.94 -32.26 -2.14
CA LEU B 92 -1.89 -32.24 -3.25
C LEU B 92 -3.21 -31.64 -2.79
N VAL B 93 -3.63 -30.57 -3.45
CA VAL B 93 -4.86 -29.87 -3.09
C VAL B 93 -5.81 -29.71 -4.26
N ARG B 94 -7.09 -29.58 -3.94
CA ARG B 94 -8.13 -29.29 -4.91
C ARG B 94 -8.82 -28.00 -4.48
N HIS B 95 -8.81 -27.00 -5.35
CA HIS B 95 -9.48 -25.73 -5.09
C HIS B 95 -10.98 -25.97 -4.95
N LYS B 96 -11.49 -25.73 -3.74
CA LYS B 96 -12.90 -26.01 -3.41
C LYS B 96 -13.90 -25.46 -4.43
N SER B 97 -13.65 -24.26 -4.92
CA SER B 97 -14.56 -23.60 -5.86
C SER B 97 -14.35 -24.06 -7.31
N THR B 98 -13.13 -23.90 -7.83
CA THR B 98 -12.82 -24.21 -9.22
C THR B 98 -12.63 -25.71 -9.47
N ARG B 99 -12.49 -26.48 -8.39
CA ARG B 99 -12.27 -27.93 -8.43
C ARG B 99 -10.96 -28.32 -9.13
N LYS B 100 -10.12 -27.31 -9.38
CA LYS B 100 -8.84 -27.49 -10.04
C LYS B 100 -7.80 -28.10 -9.09
N VAL B 101 -6.96 -28.97 -9.64
CA VAL B 101 -5.97 -29.71 -8.86
C VAL B 101 -4.59 -29.04 -8.94
N TYR B 102 -4.01 -28.79 -7.78
CA TYR B 102 -2.68 -28.18 -7.68
C TYR B 102 -1.81 -28.87 -6.64
N ALA B 103 -0.52 -28.56 -6.65
CA ALA B 103 0.39 -28.96 -5.58
C ALA B 103 0.77 -27.72 -4.77
N MET B 104 0.42 -27.74 -3.49
CA MET B 104 0.65 -26.58 -2.62
C MET B 104 1.83 -26.80 -1.68
N LYS B 105 2.74 -25.83 -1.68
CA LYS B 105 3.93 -25.87 -0.83
C LYS B 105 3.81 -24.85 0.31
N LEU B 106 3.99 -25.34 1.53
CA LEU B 106 3.88 -24.50 2.72
C LEU B 106 5.25 -24.18 3.30
N LEU B 107 5.41 -22.96 3.81
CA LEU B 107 6.66 -22.52 4.42
C LEU B 107 6.38 -21.82 5.75
N SER B 108 6.87 -22.42 6.83
CA SER B 108 6.65 -21.87 8.18
C SER B 108 7.43 -20.58 8.40
N LYS B 109 6.70 -19.50 8.66
CA LYS B 109 7.29 -18.18 8.92
C LYS B 109 8.19 -18.22 10.14
N PHE B 110 7.70 -18.81 11.23
CA PHE B 110 8.50 -18.93 12.45
C PHE B 110 9.76 -19.73 12.20
N GLU B 111 9.61 -20.88 11.55
CA GLU B 111 10.74 -21.76 11.25
C GLU B 111 11.81 -21.06 10.42
N MET B 112 11.37 -20.37 9.37
CA MET B 112 12.26 -19.56 8.54
C MET B 112 12.98 -18.52 9.38
N ILE B 113 12.23 -17.77 10.18
CA ILE B 113 12.79 -16.76 11.09
C ILE B 113 13.76 -17.36 12.11
N LYS B 114 13.31 -18.40 12.81
CA LYS B 114 14.09 -19.08 13.85
C LYS B 114 15.57 -19.24 13.47
N ARG B 115 15.81 -19.77 12.28
CA ARG B 115 17.16 -20.00 11.78
C ARG B 115 17.52 -19.07 10.61
N SER B 116 17.46 -17.77 10.87
CA SER B 116 17.77 -16.74 9.87
C SER B 116 17.07 -17.00 8.52
N ASP B 117 17.84 -17.41 7.52
CA ASP B 117 17.34 -17.85 6.22
C ASP B 117 15.86 -17.55 5.94
N SER B 118 15.57 -16.30 5.58
CA SER B 118 14.20 -15.87 5.28
C SER B 118 14.15 -14.94 4.07
N ALA B 119 14.81 -15.35 2.98
CA ALA B 119 14.88 -14.55 1.76
C ALA B 119 14.96 -15.42 0.49
N PHE B 120 15.22 -16.71 0.67
CA PHE B 120 15.36 -17.66 -0.44
C PHE B 120 14.09 -17.78 -1.28
N PHE B 121 12.94 -17.56 -0.65
CA PHE B 121 11.62 -17.75 -1.28
C PHE B 121 11.30 -16.75 -2.39
N TRP B 122 11.96 -15.59 -2.38
CA TRP B 122 11.75 -14.57 -3.41
C TRP B 122 12.19 -15.05 -4.78
N GLU B 123 13.32 -15.76 -4.82
CA GLU B 123 13.86 -16.35 -6.04
C GLU B 123 12.92 -17.44 -6.55
N GLU B 124 12.39 -18.22 -5.61
CA GLU B 124 11.49 -19.32 -5.90
C GLU B 124 10.15 -18.79 -6.44
N ARG B 125 9.68 -17.69 -5.86
CA ARG B 125 8.43 -17.06 -6.30
C ARG B 125 8.58 -16.44 -7.69
N ASP B 126 9.65 -15.67 -7.87
CA ASP B 126 9.91 -14.96 -9.13
C ASP B 126 10.03 -15.89 -10.33
N ILE B 127 10.91 -16.88 -10.22
CA ILE B 127 11.16 -17.84 -11.31
C ILE B 127 9.91 -18.64 -11.65
N MET B 128 9.31 -19.30 -10.65
CA MET B 128 8.12 -20.12 -10.87
C MET B 128 6.92 -19.34 -11.42
N ALA B 129 6.86 -18.05 -11.12
CA ALA B 129 5.74 -17.21 -11.55
C ALA B 129 5.90 -16.58 -12.93
N PHE B 130 7.15 -16.30 -13.32
CA PHE B 130 7.41 -15.55 -14.56
C PHE B 130 8.27 -16.28 -15.59
N ALA B 131 8.89 -17.38 -15.20
CA ALA B 131 9.72 -18.18 -16.11
C ALA B 131 8.98 -18.46 -17.41
N ASN B 132 7.70 -18.82 -17.28
CA ASN B 132 6.84 -19.15 -18.42
C ASN B 132 7.57 -20.10 -19.38
N SER B 133 8.12 -21.17 -18.80
CA SER B 133 8.90 -22.14 -19.53
C SER B 133 8.38 -23.55 -19.23
N PRO B 134 8.34 -24.41 -20.26
CA PRO B 134 7.91 -25.80 -20.08
C PRO B 134 8.91 -26.61 -19.24
N TRP B 135 10.05 -26.00 -18.91
CA TRP B 135 11.08 -26.65 -18.10
C TRP B 135 10.99 -26.24 -16.63
N VAL B 136 10.06 -25.34 -16.32
CA VAL B 136 9.90 -24.82 -14.96
C VAL B 136 8.47 -25.10 -14.46
N VAL B 137 8.37 -25.69 -13.28
CA VAL B 137 7.08 -25.89 -12.62
C VAL B 137 6.42 -24.53 -12.40
N GLN B 138 5.21 -24.38 -12.93
CA GLN B 138 4.50 -23.11 -12.94
C GLN B 138 3.86 -22.78 -11.58
N LEU B 139 3.97 -21.51 -11.20
CA LEU B 139 3.34 -21.00 -9.98
C LEU B 139 2.12 -20.18 -10.34
N PHE B 140 0.94 -20.66 -9.96
CA PHE B 140 -0.32 -19.99 -10.28
C PHE B 140 -0.68 -18.94 -9.26
N TYR B 141 -0.66 -19.33 -7.98
CA TYR B 141 -1.03 -18.43 -6.89
C TYR B 141 -0.05 -18.51 -5.74
N ALA B 142 0.12 -17.38 -5.06
CA ALA B 142 0.94 -17.31 -3.86
C ALA B 142 0.26 -16.39 -2.86
N PHE B 143 -0.06 -16.94 -1.69
CA PHE B 143 -0.70 -16.16 -0.63
C PHE B 143 -0.08 -16.51 0.73
N GLN B 144 -0.62 -15.92 1.79
CA GLN B 144 -0.07 -16.09 3.12
C GLN B 144 -1.06 -15.75 4.23
N ASP B 145 -0.75 -16.24 5.43
CA ASP B 145 -1.41 -15.80 6.66
C ASP B 145 -0.35 -15.40 7.67
N ASP B 146 -0.70 -15.40 8.96
CA ASP B 146 0.23 -14.99 10.02
C ASP B 146 1.33 -16.02 10.30
N ARG B 147 1.29 -17.17 9.63
CA ARG B 147 2.14 -18.30 10.00
C ARG B 147 2.83 -19.01 8.83
N TYR B 148 2.11 -19.18 7.72
CA TYR B 148 2.67 -19.89 6.57
C TYR B 148 2.64 -19.09 5.28
N LEU B 149 3.62 -19.34 4.42
CA LEU B 149 3.57 -18.89 3.03
C LEU B 149 3.01 -20.04 2.20
N TYR B 150 2.19 -19.71 1.20
CA TYR B 150 1.55 -20.74 0.39
C TYR B 150 1.89 -20.56 -1.08
N MET B 151 2.31 -21.65 -1.72
CA MET B 151 2.65 -21.64 -3.13
C MET B 151 1.85 -22.67 -3.91
N VAL B 152 0.94 -22.18 -4.76
CA VAL B 152 0.07 -23.02 -5.57
C VAL B 152 0.72 -23.28 -6.92
N MET B 153 1.28 -24.47 -7.07
CA MET B 153 1.99 -24.87 -8.29
C MET B 153 1.18 -25.89 -9.08
N GLU B 154 1.53 -26.08 -10.36
CA GLU B 154 0.95 -27.15 -11.15
C GLU B 154 1.41 -28.50 -10.59
N TYR B 155 0.48 -29.43 -10.50
CA TYR B 155 0.79 -30.76 -9.98
C TYR B 155 1.55 -31.59 -11.00
N MET B 156 2.66 -32.17 -10.55
CA MET B 156 3.48 -33.04 -11.38
C MET B 156 3.22 -34.49 -10.99
N PRO B 157 2.28 -35.16 -11.69
CA PRO B 157 1.83 -36.49 -11.32
C PRO B 157 2.83 -37.61 -11.62
N GLY B 158 3.86 -37.30 -12.40
CA GLY B 158 4.86 -38.29 -12.79
C GLY B 158 5.86 -38.63 -11.69
N GLY B 159 5.84 -37.88 -10.60
CA GLY B 159 6.80 -38.07 -9.50
C GLY B 159 8.17 -37.51 -9.85
N ASP B 160 9.13 -37.72 -8.97
CA ASP B 160 10.48 -37.23 -9.21
C ASP B 160 11.43 -38.30 -9.75
N LEU B 161 12.67 -37.91 -10.04
CA LEU B 161 13.68 -38.82 -10.57
C LEU B 161 14.25 -39.78 -9.52
N VAL B 162 14.19 -39.38 -8.25
CA VAL B 162 14.57 -40.25 -7.13
C VAL B 162 13.71 -41.52 -7.15
N ASN B 163 12.41 -41.31 -7.26
CA ASN B 163 11.42 -42.39 -7.35
C ASN B 163 11.64 -43.29 -8.57
N LEU B 164 11.99 -42.67 -9.69
CA LEU B 164 12.25 -43.39 -10.94
C LEU B 164 13.51 -44.26 -10.87
N MET B 165 14.59 -43.68 -10.34
CA MET B 165 15.86 -44.39 -10.21
C MET B 165 15.81 -45.55 -9.22
N SER B 166 14.91 -45.47 -8.25
CA SER B 166 14.72 -46.52 -7.26
C SER B 166 13.84 -47.66 -7.79
N ASN B 167 13.17 -47.41 -8.92
CA ASN B 167 12.28 -48.41 -9.53
C ASN B 167 12.86 -49.04 -10.81
N TYR B 168 13.89 -48.40 -11.37
CA TYR B 168 14.50 -48.87 -12.61
C TYR B 168 16.03 -48.84 -12.55
N ASP B 169 16.64 -49.85 -13.17
CA ASP B 169 18.06 -49.81 -13.47
C ASP B 169 18.20 -49.03 -14.78
N VAL B 170 18.22 -47.71 -14.66
CA VAL B 170 18.16 -46.78 -15.79
C VAL B 170 19.15 -47.11 -16.91
N PRO B 171 18.62 -47.51 -18.10
CA PRO B 171 19.46 -47.74 -19.27
C PRO B 171 19.98 -46.42 -19.85
N GLU B 172 21.00 -46.49 -20.70
CA GLU B 172 21.63 -45.31 -21.28
C GLU B 172 20.67 -44.42 -22.06
N LYS B 173 19.82 -45.04 -22.88
CA LYS B 173 18.83 -44.32 -23.69
C LYS B 173 18.00 -43.38 -22.83
N TRP B 174 17.59 -43.87 -21.66
CA TRP B 174 16.82 -43.09 -20.69
C TRP B 174 17.69 -42.02 -20.07
N ALA B 175 18.86 -42.44 -19.57
CA ALA B 175 19.84 -41.53 -18.96
C ALA B 175 20.13 -40.33 -19.86
N ARG B 176 20.35 -40.60 -21.15
CA ARG B 176 20.59 -39.56 -22.15
C ARG B 176 19.43 -38.59 -22.23
N PHE B 177 18.22 -39.11 -22.36
CA PHE B 177 17.00 -38.30 -22.45
C PHE B 177 16.88 -37.35 -21.26
N TYR B 178 16.94 -37.92 -20.06
CA TYR B 178 16.77 -37.14 -18.83
C TYR B 178 17.89 -36.14 -18.60
N THR B 179 19.12 -36.53 -18.91
CA THR B 179 20.26 -35.62 -18.86
C THR B 179 20.06 -34.46 -19.83
N ALA B 180 19.62 -34.78 -21.05
CA ALA B 180 19.38 -33.78 -22.09
C ALA B 180 18.29 -32.79 -21.72
N GLU B 181 17.23 -33.27 -21.07
CA GLU B 181 16.14 -32.41 -20.61
C GLU B 181 16.57 -31.52 -19.45
N VAL B 182 17.45 -32.05 -18.60
CA VAL B 182 18.05 -31.28 -17.49
C VAL B 182 18.92 -30.15 -18.03
N VAL B 183 19.75 -30.47 -19.03
CA VAL B 183 20.62 -29.49 -19.69
C VAL B 183 19.83 -28.30 -20.23
N LEU B 184 18.73 -28.60 -20.93
CA LEU B 184 17.85 -27.57 -21.48
C LEU B 184 17.13 -26.78 -20.39
N ALA B 185 16.75 -27.48 -19.31
CA ALA B 185 16.10 -26.86 -18.16
C ALA B 185 17.02 -25.91 -17.43
N LEU B 186 18.26 -26.35 -17.20
CA LEU B 186 19.28 -25.52 -16.57
C LEU B 186 19.69 -24.33 -17.42
N ASP B 187 19.75 -24.55 -18.73
CA ASP B 187 20.08 -23.48 -19.67
C ASP B 187 19.00 -22.40 -19.69
N ALA B 188 17.75 -22.81 -19.52
CA ALA B 188 16.62 -21.89 -19.41
C ALA B 188 16.72 -21.04 -18.15
N ILE B 189 17.17 -21.67 -17.06
CA ILE B 189 17.40 -20.98 -15.79
C ILE B 189 18.57 -20.00 -15.92
N HIS B 190 19.65 -20.44 -16.57
CA HIS B 190 20.82 -19.60 -16.83
C HIS B 190 20.47 -18.39 -17.71
N SER B 191 19.61 -18.62 -18.70
CA SER B 191 19.17 -17.57 -19.62
C SER B 191 18.35 -16.49 -18.91
N MET B 192 17.65 -16.89 -17.85
CA MET B 192 16.91 -15.96 -17.00
C MET B 192 17.85 -15.19 -16.08
N GLY B 193 19.11 -15.61 -16.05
CA GLY B 193 20.14 -14.92 -15.26
C GLY B 193 20.36 -15.51 -13.89
N PHE B 194 20.15 -16.83 -13.75
CA PHE B 194 20.28 -17.51 -12.47
C PHE B 194 21.24 -18.69 -12.50
N ILE B 195 21.85 -18.95 -11.35
CA ILE B 195 22.58 -20.19 -11.10
C ILE B 195 21.75 -20.99 -10.11
N HIS B 196 21.35 -22.20 -10.47
CA HIS B 196 20.46 -23.00 -9.64
C HIS B 196 21.07 -23.40 -8.29
N ARG B 197 22.30 -23.91 -8.33
CA ARG B 197 23.07 -24.26 -7.13
C ARG B 197 22.62 -25.53 -6.39
N ASP B 198 21.46 -26.06 -6.74
CA ASP B 198 20.94 -27.27 -6.09
C ASP B 198 20.30 -28.24 -7.09
N VAL B 199 21.07 -28.62 -8.10
CA VAL B 199 20.61 -29.58 -9.11
C VAL B 199 20.72 -31.00 -8.53
N LYS B 200 19.57 -31.64 -8.38
CA LYS B 200 19.48 -32.99 -7.82
C LYS B 200 18.17 -33.66 -8.21
N PRO B 201 18.13 -35.01 -8.21
CA PRO B 201 16.96 -35.81 -8.55
C PRO B 201 15.68 -35.41 -7.81
N ASP B 202 15.82 -34.93 -6.58
CA ASP B 202 14.69 -34.47 -5.77
C ASP B 202 13.96 -33.29 -6.42
N ASN B 203 14.73 -32.43 -7.07
CA ASN B 203 14.20 -31.23 -7.71
C ASN B 203 13.75 -31.45 -9.16
N MET B 204 13.91 -32.67 -9.65
CA MET B 204 13.52 -33.02 -11.02
C MET B 204 12.20 -33.78 -11.03
N LEU B 205 11.15 -33.11 -11.50
CA LEU B 205 9.80 -33.68 -11.50
C LEU B 205 9.32 -33.97 -12.93
N LEU B 206 8.42 -34.94 -13.06
CA LEU B 206 7.89 -35.34 -14.35
C LEU B 206 6.40 -35.01 -14.46
N ASP B 207 5.98 -34.54 -15.63
CA ASP B 207 4.57 -34.27 -15.89
C ASP B 207 3.82 -35.53 -16.33
N LYS B 208 2.53 -35.38 -16.63
CA LYS B 208 1.67 -36.49 -17.05
C LYS B 208 2.17 -37.21 -18.31
N SER B 209 3.02 -36.55 -19.08
CA SER B 209 3.60 -37.11 -20.29
C SER B 209 5.00 -37.68 -20.06
N GLY B 210 5.50 -37.56 -18.82
CA GLY B 210 6.82 -38.08 -18.46
C GLY B 210 7.97 -37.15 -18.78
N HIS B 211 7.65 -35.89 -19.08
CA HIS B 211 8.67 -34.90 -19.39
C HIS B 211 9.10 -34.11 -18.16
N LEU B 212 10.37 -33.73 -18.14
CA LEU B 212 11.00 -33.15 -16.95
C LEU B 212 10.75 -31.65 -16.76
N LYS B 213 10.61 -31.26 -15.50
CA LYS B 213 10.57 -29.86 -15.08
C LYS B 213 11.36 -29.72 -13.80
N LEU B 214 12.04 -28.59 -13.64
CA LEU B 214 12.70 -28.28 -12.37
C LEU B 214 11.69 -27.69 -11.40
N ALA B 215 11.67 -28.23 -10.19
CA ALA B 215 10.82 -27.73 -9.11
C ALA B 215 11.72 -27.26 -7.97
N ASP B 216 11.25 -26.27 -7.21
CA ASP B 216 12.01 -25.68 -6.10
C ASP B 216 13.24 -24.92 -6.59
N PHE B 217 13.28 -23.63 -6.29
CA PHE B 217 14.37 -22.76 -6.72
C PHE B 217 14.83 -21.87 -5.55
N GLY B 218 14.81 -22.43 -4.35
CA GLY B 218 15.15 -21.69 -3.13
C GLY B 218 16.63 -21.46 -2.91
N THR B 219 17.46 -21.93 -3.84
CA THR B 219 18.90 -21.72 -3.76
C THR B 219 19.42 -20.93 -4.96
N CYS B 220 18.51 -20.60 -5.88
CA CYS B 220 18.84 -19.83 -7.08
C CYS B 220 19.27 -18.41 -6.72
N MET B 221 20.29 -17.92 -7.42
CA MET B 221 20.79 -16.57 -7.20
C MET B 221 21.01 -15.84 -8.52
N LYS B 222 20.83 -14.52 -8.48
CA LYS B 222 21.02 -13.68 -9.66
C LYS B 222 22.51 -13.47 -9.92
N MET B 223 22.94 -13.78 -11.14
CA MET B 223 24.33 -13.60 -11.54
C MET B 223 24.66 -12.11 -11.68
N ASN B 224 25.87 -11.73 -11.28
CA ASN B 224 26.32 -10.35 -11.41
C ASN B 224 26.68 -9.99 -12.86
N LYS B 225 27.34 -8.84 -13.03
CA LYS B 225 27.76 -8.34 -14.34
C LYS B 225 28.51 -9.38 -15.18
N GLU B 226 29.37 -10.16 -14.53
CA GLU B 226 30.21 -11.14 -15.21
C GLU B 226 29.60 -12.55 -15.19
N GLY B 227 28.37 -12.66 -14.69
CA GLY B 227 27.69 -13.95 -14.58
C GLY B 227 28.23 -14.80 -13.43
N MET B 228 28.50 -14.14 -12.30
CA MET B 228 29.05 -14.79 -11.13
C MET B 228 28.20 -14.49 -9.90
N VAL B 229 28.44 -15.22 -8.81
CA VAL B 229 27.77 -14.95 -7.55
C VAL B 229 28.61 -15.40 -6.34
N ARG B 230 28.97 -14.43 -5.50
CA ARG B 230 29.63 -14.71 -4.24
C ARG B 230 28.60 -15.29 -3.28
N CYS B 231 29.04 -16.14 -2.35
CA CYS B 231 28.14 -16.67 -1.34
C CYS B 231 28.81 -17.26 -0.10
N ASP B 232 28.11 -17.12 1.01
CA ASP B 232 28.40 -17.78 2.27
C ASP B 232 27.08 -18.40 2.72
N THR B 233 27.13 -19.60 3.28
CA THR B 233 25.96 -20.33 3.77
C THR B 233 26.35 -21.79 3.98
N ALA B 234 25.75 -22.41 5.01
CA ALA B 234 25.90 -23.84 5.26
C ALA B 234 25.38 -24.67 4.08
N VAL B 235 25.64 -25.97 4.11
CA VAL B 235 25.23 -26.86 3.02
C VAL B 235 24.55 -28.13 3.52
N GLY B 236 23.47 -28.52 2.84
CA GLY B 236 22.80 -29.78 3.11
C GLY B 236 23.16 -30.79 2.04
N THR B 237 23.42 -32.04 2.47
CA THR B 237 23.80 -33.15 1.59
C THR B 237 24.70 -32.73 0.41
N PRO B 238 26.02 -32.78 0.60
CA PRO B 238 26.97 -32.31 -0.42
C PRO B 238 27.07 -33.19 -1.67
N ASP B 239 26.38 -34.34 -1.67
CA ASP B 239 26.42 -35.30 -2.78
C ASP B 239 26.52 -34.70 -4.19
N TYR B 240 25.74 -33.65 -4.45
CA TYR B 240 25.67 -33.03 -5.77
C TYR B 240 26.39 -31.68 -5.84
N ILE B 241 26.80 -31.17 -4.69
CA ILE B 241 27.45 -29.86 -4.60
C ILE B 241 28.88 -29.92 -5.16
N SER B 242 29.21 -28.91 -5.99
CA SER B 242 30.52 -28.79 -6.62
C SER B 242 31.60 -28.37 -5.63
N PRO B 243 32.89 -28.65 -5.96
CA PRO B 243 34.00 -28.24 -5.10
C PRO B 243 34.06 -26.73 -4.82
N GLU B 244 33.75 -25.91 -5.84
CA GLU B 244 33.84 -24.45 -5.71
C GLU B 244 32.83 -23.90 -4.71
N VAL B 245 31.59 -24.39 -4.77
CA VAL B 245 30.53 -23.97 -3.85
C VAL B 245 30.87 -24.42 -2.42
N LEU B 246 31.54 -25.56 -2.30
CA LEU B 246 31.99 -26.06 -1.00
C LEU B 246 33.20 -25.29 -0.46
N LYS B 247 34.10 -24.90 -1.36
CA LYS B 247 35.26 -24.08 -0.99
C LYS B 247 34.85 -22.65 -0.65
N SER B 248 33.75 -22.20 -1.25
CA SER B 248 33.20 -20.87 -1.00
C SER B 248 32.19 -20.89 0.15
N GLN B 249 32.69 -21.13 1.35
CA GLN B 249 31.85 -21.12 2.55
C GLN B 249 32.22 -19.97 3.48
N GLY B 250 31.73 -18.78 3.14
CA GLY B 250 31.97 -17.59 3.95
C GLY B 250 32.29 -16.36 3.13
N GLY B 251 31.65 -16.23 1.98
CA GLY B 251 31.86 -15.08 1.08
C GLY B 251 33.22 -15.09 0.42
N ASP B 252 34.07 -16.03 0.85
CA ASP B 252 35.40 -16.18 0.29
C ASP B 252 35.38 -17.03 -0.98
N GLY B 253 34.62 -16.56 -1.98
CA GLY B 253 34.54 -17.26 -3.25
C GLY B 253 33.43 -16.83 -4.17
N TYR B 254 33.81 -16.54 -5.42
CA TYR B 254 32.87 -16.24 -6.50
C TYR B 254 32.92 -17.39 -7.50
N TYR B 255 31.77 -17.97 -7.78
CA TYR B 255 31.68 -19.09 -8.74
C TYR B 255 30.65 -18.84 -9.83
N GLY B 256 30.91 -19.39 -11.01
CA GLY B 256 30.01 -19.25 -12.16
C GLY B 256 28.95 -20.33 -12.23
N ARG B 257 28.34 -20.45 -13.41
CA ARG B 257 27.24 -21.40 -13.63
C ARG B 257 27.72 -22.83 -13.82
N GLU B 258 29.01 -23.00 -14.10
CA GLU B 258 29.61 -24.32 -14.32
C GLU B 258 29.56 -25.21 -13.06
N CYS B 259 29.07 -24.64 -11.95
CA CYS B 259 28.81 -25.39 -10.74
C CYS B 259 27.54 -26.25 -10.89
N ASP B 260 26.64 -25.81 -11.76
CA ASP B 260 25.43 -26.58 -12.10
C ASP B 260 25.77 -27.77 -12.99
N TRP B 261 26.72 -27.57 -13.91
CA TRP B 261 27.16 -28.62 -14.83
C TRP B 261 27.84 -29.78 -14.12
N TRP B 262 28.52 -29.45 -13.02
CA TRP B 262 29.10 -30.45 -12.13
C TRP B 262 28.02 -31.38 -11.58
N SER B 263 26.92 -30.79 -11.11
CA SER B 263 25.80 -31.53 -10.54
C SER B 263 25.13 -32.45 -11.56
N VAL B 264 25.12 -32.02 -12.82
CA VAL B 264 24.60 -32.83 -13.93
C VAL B 264 25.47 -34.08 -14.11
N GLY B 265 26.78 -33.92 -13.92
CA GLY B 265 27.72 -35.03 -13.99
C GLY B 265 27.49 -36.05 -12.90
N VAL B 266 27.21 -35.56 -11.69
CA VAL B 266 26.87 -36.41 -10.55
C VAL B 266 25.55 -37.14 -10.83
N PHE B 267 24.60 -36.40 -11.42
CA PHE B 267 23.30 -36.95 -11.80
C PHE B 267 23.43 -38.08 -12.83
N LEU B 268 24.23 -37.86 -13.86
CA LEU B 268 24.46 -38.85 -14.90
C LEU B 268 25.12 -40.11 -14.33
N TYR B 269 26.16 -39.90 -13.51
CA TYR B 269 26.87 -40.99 -12.85
C TYR B 269 25.92 -41.85 -12.02
N GLU B 270 25.08 -41.20 -11.22
CA GLU B 270 24.15 -41.89 -10.34
C GLU B 270 23.14 -42.76 -11.10
N MET B 271 22.67 -42.26 -12.25
CA MET B 271 21.70 -42.99 -13.07
C MET B 271 22.29 -44.28 -13.66
N LEU B 272 23.56 -44.23 -14.05
CA LEU B 272 24.21 -45.36 -14.70
C LEU B 272 24.89 -46.32 -13.72
N VAL B 273 25.30 -45.81 -12.57
CA VAL B 273 26.01 -46.61 -11.56
C VAL B 273 25.06 -47.12 -10.47
N GLY B 274 24.13 -46.26 -10.03
CA GLY B 274 23.19 -46.61 -8.97
C GLY B 274 23.52 -45.95 -7.66
N ASP B 275 24.72 -45.38 -7.57
CA ASP B 275 25.18 -44.68 -6.38
C ASP B 275 25.84 -43.35 -6.78
N THR B 276 25.84 -42.39 -5.86
CA THR B 276 26.52 -41.11 -6.07
C THR B 276 28.04 -41.31 -5.95
N PRO B 277 28.81 -40.68 -6.86
CA PRO B 277 30.27 -40.90 -7.00
C PRO B 277 31.09 -40.64 -5.74
N PHE B 278 30.61 -39.78 -4.86
CA PHE B 278 31.36 -39.43 -3.65
C PHE B 278 30.60 -39.74 -2.38
N TYR B 279 29.79 -40.80 -2.42
CA TYR B 279 29.03 -41.23 -1.25
C TYR B 279 29.93 -41.66 -0.10
N ALA B 280 29.53 -41.25 1.10
CA ALA B 280 30.18 -41.69 2.34
C ALA B 280 29.16 -41.77 3.46
N ASP B 281 29.50 -42.48 4.53
CA ASP B 281 28.61 -42.70 5.67
C ASP B 281 28.32 -41.41 6.45
N SER B 282 29.27 -40.48 6.42
CA SER B 282 29.10 -39.18 7.08
C SER B 282 29.04 -38.04 6.07
N LEU B 283 28.49 -36.91 6.49
CA LEU B 283 28.42 -35.71 5.64
C LEU B 283 29.81 -35.17 5.33
N VAL B 284 30.64 -35.05 6.37
CA VAL B 284 32.02 -34.58 6.24
C VAL B 284 32.89 -35.56 5.45
N GLY B 285 32.46 -36.84 5.43
CA GLY B 285 33.13 -37.87 4.64
C GLY B 285 32.88 -37.69 3.16
N THR B 286 31.63 -37.36 2.80
CA THR B 286 31.24 -37.05 1.43
C THR B 286 31.99 -35.81 0.95
N TYR B 287 32.00 -34.78 1.80
CA TYR B 287 32.73 -33.53 1.54
C TYR B 287 34.19 -33.80 1.17
N SER B 288 34.86 -34.59 1.99
CA SER B 288 36.27 -34.92 1.79
C SER B 288 36.52 -35.58 0.44
N LYS B 289 35.63 -36.49 0.05
CA LYS B 289 35.72 -37.20 -1.22
C LYS B 289 35.47 -36.29 -2.42
N ILE B 290 34.59 -35.30 -2.26
CA ILE B 290 34.34 -34.31 -3.31
C ILE B 290 35.56 -33.42 -3.51
N MET B 291 36.18 -33.01 -2.40
CA MET B 291 37.41 -32.22 -2.45
C MET B 291 38.55 -33.00 -3.10
N ASN B 292 38.62 -34.29 -2.79
CA ASN B 292 39.60 -35.19 -3.38
C ASN B 292 39.00 -35.96 -4.57
N HIS B 293 38.12 -35.29 -5.32
CA HIS B 293 37.45 -35.90 -6.46
C HIS B 293 38.42 -36.40 -7.53
N LYS B 294 39.54 -35.69 -7.67
CA LYS B 294 40.59 -36.05 -8.63
C LYS B 294 41.05 -37.49 -8.41
N ASN B 295 41.04 -37.93 -7.15
CA ASN B 295 41.48 -39.28 -6.80
C ASN B 295 40.36 -40.23 -6.36
N SER B 296 39.23 -39.67 -5.95
CA SER B 296 38.11 -40.47 -5.43
C SER B 296 37.10 -40.91 -6.50
N LEU B 297 37.01 -40.17 -7.59
CA LEU B 297 36.07 -40.48 -8.66
C LEU B 297 36.53 -41.70 -9.46
N THR B 298 35.85 -42.82 -9.22
CA THR B 298 36.15 -44.08 -9.90
C THR B 298 34.89 -44.70 -10.51
N PHE B 299 35.09 -45.70 -11.37
CA PHE B 299 33.99 -46.42 -12.00
C PHE B 299 34.14 -47.92 -11.72
N PRO B 300 33.00 -48.62 -11.52
CA PRO B 300 33.03 -50.07 -11.27
C PRO B 300 33.60 -50.87 -12.45
N ASP B 301 34.06 -52.09 -12.18
CA ASP B 301 34.71 -52.94 -13.18
C ASP B 301 33.72 -53.70 -14.07
N ASP B 302 32.56 -53.10 -14.32
CA ASP B 302 31.59 -53.62 -15.28
C ASP B 302 31.32 -52.54 -16.30
N ASN B 303 31.92 -52.69 -17.49
CA ASN B 303 31.85 -51.67 -18.53
C ASN B 303 30.46 -51.57 -19.20
N ASP B 304 29.41 -51.71 -18.40
CA ASP B 304 28.04 -51.46 -18.85
C ASP B 304 27.92 -50.01 -19.33
N ILE B 305 28.60 -49.12 -18.62
CA ILE B 305 28.69 -47.71 -18.98
C ILE B 305 29.57 -47.55 -20.23
N SER B 306 29.02 -46.91 -21.25
CA SER B 306 29.73 -46.70 -22.52
C SER B 306 30.88 -45.71 -22.39
N LYS B 307 31.68 -45.60 -23.44
CA LYS B 307 32.82 -44.69 -23.49
C LYS B 307 32.39 -43.24 -23.38
N GLU B 308 31.38 -42.86 -24.18
CA GLU B 308 30.84 -41.50 -24.22
C GLU B 308 30.29 -41.07 -22.87
N ALA B 309 29.62 -42.00 -22.20
CA ALA B 309 29.06 -41.76 -20.87
C ALA B 309 30.16 -41.45 -19.85
N LYS B 310 31.22 -42.26 -19.86
CA LYS B 310 32.38 -42.04 -18.99
C LYS B 310 33.05 -40.70 -19.28
N ASN B 311 33.17 -40.36 -20.57
CA ASN B 311 33.75 -39.10 -21.01
C ASN B 311 33.00 -37.88 -20.49
N LEU B 312 31.69 -37.85 -20.72
CA LEU B 312 30.83 -36.74 -20.31
C LEU B 312 30.87 -36.55 -18.80
N ILE B 313 30.73 -37.66 -18.06
CA ILE B 313 30.81 -37.65 -16.60
C ILE B 313 32.12 -37.03 -16.13
N CYS B 314 33.23 -37.49 -16.71
CA CYS B 314 34.56 -36.98 -16.38
C CYS B 314 34.76 -35.53 -16.82
N ALA B 315 34.11 -35.14 -17.91
CA ALA B 315 34.15 -33.77 -18.41
C ALA B 315 33.40 -32.82 -17.46
N PHE B 316 32.38 -33.34 -16.80
CA PHE B 316 31.61 -32.58 -15.81
C PHE B 316 32.25 -32.63 -14.42
N LEU B 317 32.86 -33.76 -14.09
CA LEU B 317 33.45 -33.95 -12.76
C LEU B 317 34.93 -33.61 -12.72
N THR B 318 35.25 -32.41 -13.21
CA THR B 318 36.60 -31.88 -13.22
C THR B 318 36.62 -30.49 -12.58
N ASP B 319 37.82 -29.91 -12.48
CA ASP B 319 37.99 -28.57 -11.92
C ASP B 319 37.28 -27.53 -12.80
N ARG B 320 36.60 -26.59 -12.14
CA ARG B 320 35.84 -25.52 -12.79
C ARG B 320 36.50 -24.94 -14.05
N GLU B 321 37.81 -24.74 -13.97
CA GLU B 321 38.60 -24.12 -15.04
C GLU B 321 38.61 -24.89 -16.36
N VAL B 322 38.52 -26.22 -16.28
CA VAL B 322 38.54 -27.06 -17.48
C VAL B 322 37.19 -27.79 -17.68
N ARG B 323 36.21 -27.45 -16.85
CA ARG B 323 34.92 -28.14 -16.85
C ARG B 323 34.09 -27.85 -18.10
N LEU B 324 33.52 -28.91 -18.68
CA LEU B 324 32.65 -28.79 -19.84
C LEU B 324 31.44 -27.93 -19.49
N GLY B 325 31.12 -26.99 -20.37
CA GLY B 325 30.03 -26.05 -20.14
C GLY B 325 30.52 -24.65 -19.82
N ARG B 326 31.84 -24.51 -19.65
CA ARG B 326 32.46 -23.21 -19.40
C ARG B 326 32.44 -22.33 -20.65
N ASN B 327 32.40 -22.98 -21.82
CA ASN B 327 32.33 -22.29 -23.11
C ASN B 327 30.91 -22.30 -23.68
N GLY B 328 29.92 -22.36 -22.78
CA GLY B 328 28.51 -22.37 -23.18
C GLY B 328 27.92 -23.77 -23.23
N VAL B 329 26.59 -23.82 -23.38
CA VAL B 329 25.86 -25.10 -23.43
C VAL B 329 26.06 -25.86 -24.74
N GLU B 330 26.45 -25.13 -25.79
CA GLU B 330 26.60 -25.72 -27.12
C GLU B 330 27.68 -26.79 -27.19
N GLU B 331 28.76 -26.62 -26.42
CA GLU B 331 29.83 -27.62 -26.35
C GLU B 331 29.38 -28.89 -25.59
N ILE B 332 28.39 -28.73 -24.72
CA ILE B 332 27.77 -29.86 -24.03
C ILE B 332 26.84 -30.61 -24.98
N LYS B 333 25.99 -29.86 -25.67
CA LYS B 333 25.03 -30.43 -26.62
C LYS B 333 25.70 -31.21 -27.75
N ARG B 334 26.89 -30.74 -28.15
CA ARG B 334 27.66 -31.39 -29.21
C ARG B 334 28.42 -32.63 -28.75
N HIS B 335 28.36 -32.94 -27.45
CA HIS B 335 29.01 -34.13 -26.91
C HIS B 335 28.45 -35.39 -27.52
N LEU B 336 29.34 -36.34 -27.84
CA LEU B 336 28.98 -37.59 -28.50
C LEU B 336 28.00 -38.48 -27.74
N PHE B 337 27.97 -38.33 -26.41
CA PHE B 337 27.03 -39.08 -25.56
C PHE B 337 25.58 -38.82 -25.96
N PHE B 338 25.29 -37.57 -26.30
CA PHE B 338 23.94 -37.17 -26.70
C PHE B 338 23.61 -37.56 -28.14
N LYS B 339 24.61 -37.99 -28.90
CA LYS B 339 24.43 -38.41 -30.29
C LYS B 339 23.49 -39.61 -30.38
N ASN B 340 22.31 -39.38 -30.96
CA ASN B 340 21.29 -40.42 -31.09
C ASN B 340 20.44 -40.23 -32.35
N ASP B 341 19.52 -41.18 -32.58
CA ASP B 341 18.63 -41.13 -33.75
C ASP B 341 17.15 -41.10 -33.37
N GLN B 342 16.85 -40.72 -32.13
CA GLN B 342 15.47 -40.75 -31.64
C GLN B 342 14.91 -39.34 -31.44
N TRP B 343 15.79 -38.38 -31.15
CA TRP B 343 15.40 -37.00 -30.90
C TRP B 343 16.47 -35.98 -31.29
N ALA B 344 16.02 -34.74 -31.47
CA ALA B 344 16.91 -33.60 -31.65
C ALA B 344 16.65 -32.59 -30.53
N TRP B 345 17.68 -31.82 -30.17
CA TRP B 345 17.61 -30.87 -29.05
C TRP B 345 16.41 -29.93 -29.09
N GLU B 346 16.15 -29.36 -30.27
CA GLU B 346 15.09 -28.37 -30.47
C GLU B 346 13.68 -28.97 -30.47
N THR B 347 13.59 -30.30 -30.57
CA THR B 347 12.30 -30.99 -30.61
C THR B 347 12.13 -32.03 -29.49
N LEU B 348 13.10 -32.06 -28.57
CA LEU B 348 13.18 -33.08 -27.52
C LEU B 348 11.91 -33.21 -26.65
N ARG B 349 11.39 -32.10 -26.16
CA ARG B 349 10.23 -32.12 -25.26
C ARG B 349 8.91 -32.42 -25.97
N ASP B 350 8.99 -32.62 -27.29
CA ASP B 350 7.83 -33.01 -28.09
C ASP B 350 7.85 -34.50 -28.42
N THR B 351 8.99 -35.14 -28.18
CA THR B 351 9.13 -36.58 -28.38
C THR B 351 8.46 -37.36 -27.26
N VAL B 352 8.25 -38.66 -27.47
CA VAL B 352 7.66 -39.53 -26.45
C VAL B 352 8.71 -39.88 -25.39
N ALA B 353 8.37 -39.61 -24.13
CA ALA B 353 9.25 -39.85 -23.00
C ALA B 353 9.46 -41.36 -22.75
N PRO B 354 10.65 -41.73 -22.20
CA PRO B 354 10.94 -43.14 -21.91
C PRO B 354 9.96 -43.79 -20.95
N VAL B 355 9.45 -43.02 -19.98
CA VAL B 355 8.42 -43.50 -19.06
C VAL B 355 7.23 -42.53 -19.05
N VAL B 356 6.15 -42.94 -19.69
CA VAL B 356 4.91 -42.16 -19.70
C VAL B 356 4.00 -42.71 -18.60
N PRO B 357 3.81 -41.94 -17.51
CA PRO B 357 3.01 -42.39 -16.37
C PRO B 357 1.55 -42.69 -16.74
N ASP B 358 1.06 -43.83 -16.27
CA ASP B 358 -0.32 -44.24 -16.45
C ASP B 358 -1.10 -43.86 -15.20
N LEU B 359 -1.96 -42.85 -15.33
CA LEU B 359 -2.68 -42.30 -14.18
C LEU B 359 -4.14 -42.73 -14.14
N SER B 360 -4.60 -43.07 -12.94
CA SER B 360 -5.99 -43.49 -12.73
C SER B 360 -6.94 -42.30 -12.77
N SER B 361 -6.68 -41.32 -11.91
CA SER B 361 -7.48 -40.10 -11.85
C SER B 361 -6.57 -38.87 -11.89
N ASP B 362 -7.17 -37.68 -11.78
CA ASP B 362 -6.39 -36.45 -11.72
C ASP B 362 -5.65 -36.29 -10.38
N ILE B 363 -6.13 -37.02 -9.36
CA ILE B 363 -5.51 -37.02 -8.03
C ILE B 363 -4.67 -38.28 -7.77
N ASP B 364 -4.24 -38.95 -8.84
CA ASP B 364 -3.39 -40.13 -8.72
C ASP B 364 -2.01 -39.75 -8.18
N THR B 365 -1.70 -40.22 -6.98
CA THR B 365 -0.41 -39.92 -6.33
C THR B 365 0.42 -41.19 -6.12
N SER B 366 0.31 -42.14 -7.05
CA SER B 366 1.02 -43.41 -6.95
C SER B 366 2.54 -43.27 -7.10
N ASN B 367 2.98 -42.20 -7.76
CA ASN B 367 4.40 -41.93 -7.96
C ASN B 367 5.05 -41.17 -6.79
N PHE B 368 4.29 -41.00 -5.72
CA PHE B 368 4.78 -40.37 -4.50
C PHE B 368 4.55 -41.29 -3.31
N ASP B 369 5.55 -41.38 -2.44
CA ASP B 369 5.46 -42.19 -1.23
C ASP B 369 4.48 -41.58 -0.24
N ASP B 370 3.80 -42.43 0.52
CA ASP B 370 3.02 -42.00 1.67
C ASP B 370 3.98 -41.51 2.74
N LEU B 371 3.60 -40.43 3.42
CA LEU B 371 4.49 -39.85 4.43
C LEU B 371 4.01 -40.13 5.84
N GLU B 372 4.96 -40.22 6.76
CA GLU B 372 4.72 -40.56 8.16
C GLU B 372 3.60 -39.71 8.78
N GLU B 373 4.02 -38.66 9.49
CA GLU B 373 3.15 -37.69 10.15
C GLU B 373 4.13 -36.83 10.92
N ASP B 374 3.75 -35.61 11.25
CA ASP B 374 4.69 -34.71 11.88
C ASP B 374 4.67 -34.77 13.40
N LYS B 375 3.52 -35.12 13.98
CA LYS B 375 3.27 -34.92 15.42
C LYS B 375 3.75 -33.53 15.78
N GLY B 376 3.74 -32.66 14.77
CA GLY B 376 4.39 -31.36 14.80
C GLY B 376 3.56 -30.28 15.46
N GLU B 377 3.87 -30.03 16.72
CA GLU B 377 3.32 -28.89 17.44
C GLU B 377 4.15 -27.66 17.11
N GLU B 378 3.99 -27.16 15.88
CA GLU B 378 4.80 -26.05 15.37
C GLU B 378 4.90 -24.90 16.36
N GLU B 379 6.12 -24.42 16.59
CA GLU B 379 6.38 -23.32 17.49
C GLU B 379 5.83 -22.01 16.94
N THR B 380 5.19 -21.23 17.81
CA THR B 380 4.66 -19.92 17.45
C THR B 380 5.49 -18.81 18.10
N PHE B 381 5.42 -17.61 17.52
CA PHE B 381 6.11 -16.45 18.06
C PHE B 381 5.58 -16.07 19.45
N PRO B 382 6.47 -15.65 20.36
CA PRO B 382 6.03 -15.16 21.65
C PRO B 382 5.45 -13.76 21.55
N ILE B 383 4.52 -13.41 22.44
CA ILE B 383 3.89 -12.10 22.46
C ILE B 383 4.94 -11.02 22.74
N PRO B 384 5.15 -10.10 21.78
CA PRO B 384 6.16 -9.06 21.90
C PRO B 384 5.85 -8.00 22.96
N LYS B 385 6.90 -7.41 23.51
CA LYS B 385 6.80 -6.30 24.46
C LYS B 385 7.20 -5.00 23.77
N ALA B 386 7.62 -5.13 22.52
CA ALA B 386 8.01 -4.01 21.66
C ALA B 386 7.80 -4.43 20.20
N PHE B 387 8.09 -3.52 19.27
CA PHE B 387 7.94 -3.83 17.85
C PHE B 387 9.08 -4.72 17.35
N VAL B 388 8.73 -5.94 16.96
CA VAL B 388 9.70 -6.89 16.41
C VAL B 388 9.62 -6.95 14.88
N GLY B 389 8.39 -6.96 14.36
CA GLY B 389 8.14 -6.95 12.92
C GLY B 389 8.49 -8.25 12.21
N ASN B 390 7.99 -9.38 12.71
CA ASN B 390 8.27 -10.69 12.11
C ASN B 390 7.59 -10.93 10.76
N GLN B 391 6.70 -10.02 10.38
CA GLN B 391 5.94 -10.16 9.13
C GLN B 391 6.60 -9.40 7.98
N LEU B 392 7.44 -8.42 8.34
CA LEU B 392 8.14 -7.57 7.36
C LEU B 392 8.91 -8.34 6.27
N PRO B 393 9.61 -9.44 6.64
CA PRO B 393 10.32 -10.20 5.60
C PRO B 393 9.43 -10.98 4.61
N PHE B 394 8.12 -10.98 4.84
CA PHE B 394 7.19 -11.72 3.98
C PHE B 394 6.19 -10.80 3.28
N VAL B 395 6.40 -9.49 3.40
CA VAL B 395 5.57 -8.48 2.76
C VAL B 395 5.85 -8.43 1.26
N GLY B 396 4.80 -8.59 0.46
CA GLY B 396 4.92 -8.56 -1.00
C GLY B 396 5.06 -9.93 -1.62
N PHE B 397 4.76 -10.97 -0.84
CA PHE B 397 4.83 -12.35 -1.31
C PHE B 397 3.59 -12.77 -2.08
N THR B 398 2.45 -12.19 -1.71
CA THR B 398 1.17 -12.53 -2.35
C THR B 398 1.20 -12.29 -3.86
N TYR B 399 0.71 -13.28 -4.61
CA TYR B 399 0.67 -13.22 -6.06
C TYR B 399 -0.54 -13.97 -6.63
N TYR B 400 -1.20 -13.35 -7.61
CA TYR B 400 -2.31 -13.97 -8.31
C TYR B 400 -2.07 -14.01 -9.82
N SER B 401 -2.71 -14.96 -10.50
CA SER B 401 -2.64 -15.06 -11.96
C SER B 401 -4.00 -14.78 -12.59
N ASN B 402 -3.99 -14.47 -13.89
CA ASN B 402 -5.21 -14.18 -14.63
C ASN B 402 -5.48 -15.18 -15.76
O23 Y27 C . -8.27 28.05 2.64
C22 Y27 C . -8.24 29.23 2.98
C31 Y27 C . -8.43 29.64 4.42
C36 Y27 C . -9.86 29.36 4.89
C35 Y27 C . -10.05 29.83 6.34
C34 Y27 C . -9.03 29.19 7.31
C33 Y27 C . -7.60 29.35 6.79
C32 Y27 C . -7.45 28.89 5.34
C41 Y27 C . -9.18 29.68 8.75
C42 Y27 C . -9.03 31.19 8.91
N43 Y27 C . -10.46 29.27 9.30
N21 Y27 C . -8.05 30.26 2.14
C14 Y27 C . -8.10 30.25 0.78
C15 Y27 C . -8.65 29.22 0.03
C16 Y27 C . -8.66 29.30 -1.36
N11 Y27 C . -8.13 30.37 -1.98
C12 Y27 C . -7.59 31.38 -1.28
C13 Y27 C . -7.56 31.34 0.11
O23 Y27 D . 7.47 -28.99 -5.12
C22 Y27 D . 7.85 -30.14 -4.94
C31 Y27 D . 9.06 -30.43 -4.09
C36 Y27 D . 10.34 -30.35 -4.92
C35 Y27 D . 11.57 -30.68 -4.08
C34 Y27 D . 11.68 -29.80 -2.82
C33 Y27 D . 10.37 -29.82 -2.03
C32 Y27 D . 9.18 -29.47 -2.91
C41 Y27 D . 12.89 -30.13 -1.93
C42 Y27 D . 12.93 -31.57 -1.42
N43 Y27 D . 14.12 -29.85 -2.65
N21 Y27 D . 7.27 -31.23 -5.46
C14 Y27 D . 6.19 -31.27 -6.28
C15 Y27 D . 5.37 -32.40 -6.26
C16 Y27 D . 4.26 -32.48 -7.09
N11 Y27 D . 3.98 -31.48 -7.94
C12 Y27 D . 4.74 -30.37 -8.00
C13 Y27 D . 5.87 -30.25 -7.18
#